data_7FT7
#
_entry.id   7FT7
#
_cell.length_a   80.613
_cell.length_b   49.422
_cell.length_c   114.279
_cell.angle_alpha   90.000
_cell.angle_beta   95.160
_cell.angle_gamma   90.000
#
_symmetry.space_group_name_H-M   'P 1 21 1'
#
loop_
_entity.id
_entity.type
_entity.pdbx_description
1 polymer Syntenin-1
2 non-polymer succinimide
3 non-polymer 1,2-ETHANEDIOL
4 non-polymer 'SULFATE ION'
5 non-polymer 'D-GLUTAMIC ACID'
6 non-polymer GLYCINE
7 non-polymer ALANINE
8 water water
#
_entity_poly.entity_id   1
_entity_poly.type   'polypeptide(L)'
_entity_poly.pdbx_seq_one_letter_code
;SMAEIKQGIREVILCKDQDGKIGLRLKSIDNGIFVQLVQANSPASLVGLRFGDQVLQINGENCAGWSSDKAHKVLKQAFG
EKITMTIRDRPFERTITMHKDSTGHVGFIFKNGKITSIVKDSSAARNGLLTEHNICEINGQNVIGLKDSQIADILSTSGT
VVTITIMPAFIFEHIIKRMAPSIMKSLMDHTIPEV
;
_entity_poly.pdbx_strand_id   A,B,C,D
#
# COMPACT_ATOMS: atom_id res chain seq x y z
N ILE A 5 -15.09 -12.03 20.92
CA ILE A 5 -14.88 -11.97 19.44
C ILE A 5 -15.68 -13.11 18.80
N LYS A 6 -16.79 -12.76 18.11
CA LYS A 6 -17.61 -13.69 17.28
C LYS A 6 -16.68 -14.42 16.29
N GLN A 7 -16.99 -15.69 15.96
CA GLN A 7 -16.13 -16.59 15.15
C GLN A 7 -16.56 -16.57 13.67
N GLY A 8 -16.71 -15.39 13.07
CA GLY A 8 -16.89 -15.30 11.62
C GLY A 8 -17.57 -14.02 11.18
N ILE A 9 -18.34 -14.16 10.11
CA ILE A 9 -18.81 -13.06 9.24
C ILE A 9 -20.26 -12.78 9.62
N ARG A 10 -20.71 -11.54 9.43
CA ARG A 10 -22.11 -11.12 9.66
C ARG A 10 -22.46 -10.00 8.67
N GLU A 11 -23.72 -9.94 8.28
CA GLU A 11 -24.29 -8.85 7.44
C GLU A 11 -24.77 -7.75 8.40
N VAL A 12 -24.47 -6.49 8.08
CA VAL A 12 -25.11 -5.35 8.80
C VAL A 12 -25.74 -4.47 7.74
N ILE A 13 -26.92 -3.97 8.07
CA ILE A 13 -27.63 -3.03 7.17
C ILE A 13 -27.75 -1.69 7.87
N LEU A 14 -27.28 -0.66 7.20
CA LEU A 14 -27.12 0.74 7.69
C LEU A 14 -28.07 1.65 6.91
N CYS A 15 -28.62 2.69 7.55
CA CYS A 15 -29.21 3.90 6.87
C CYS A 15 -28.44 5.13 7.32
N LYS A 16 -27.95 5.93 6.37
CA LYS A 16 -27.45 7.32 6.58
C LYS A 16 -28.47 8.05 7.43
N ASP A 17 -28.00 8.87 8.38
CA ASP A 17 -28.87 9.63 9.32
C ASP A 17 -29.39 10.85 8.55
N GLN A 18 -30.14 11.72 9.25
CA GLN A 18 -30.66 13.04 8.72
C GLN A 18 -29.61 13.71 7.85
N ASP A 19 -28.37 13.73 8.36
CA ASP A 19 -27.27 14.59 7.86
C ASP A 19 -26.48 13.87 6.76
N GLY A 20 -26.91 12.68 6.34
CA GLY A 20 -26.18 11.89 5.35
C GLY A 20 -24.97 11.20 5.97
N LYS A 21 -24.92 11.05 7.30
CA LYS A 21 -23.73 10.51 8.02
C LYS A 21 -23.99 9.08 8.43
N ILE A 22 -22.96 8.23 8.45
CA ILE A 22 -23.06 6.83 8.97
C ILE A 22 -22.27 6.72 10.28
N GLY A 23 -21.21 7.52 10.44
CA GLY A 23 -20.43 7.61 11.69
C GLY A 23 -19.23 6.69 11.72
N LEU A 24 -18.54 6.51 10.58
CA LEU A 24 -17.33 5.65 10.45
C LEU A 24 -16.15 6.44 9.86
N ARG A 25 -14.95 6.11 10.34
CA ARG A 25 -13.66 6.32 9.65
C ARG A 25 -13.05 4.90 9.49
N LEU A 26 -12.60 4.58 8.28
CA LEU A 26 -12.07 3.27 7.87
C LEU A 26 -10.59 3.42 7.54
N LYS A 27 -9.82 2.37 7.71
CA LYS A 27 -8.37 2.39 7.47
C LYS A 27 -8.00 1.12 6.68
N SER A 28 -7.21 1.30 5.63
CA SER A 28 -6.56 0.22 4.85
C SER A 28 -5.45 -0.41 5.69
N ILE A 29 -5.54 -1.71 5.96
CA ILE A 29 -4.51 -2.49 6.69
C ILE A 29 -4.31 -3.81 5.91
N ASP A 30 -3.10 -4.11 5.50
CA ASP A 30 -2.74 -5.43 4.89
C ASP A 30 -3.80 -5.77 3.81
N ASN A 31 -4.19 -4.83 2.97
CA ASN A 31 -5.09 -4.99 1.80
C ASN A 31 -6.50 -5.38 2.25
N GLY A 32 -6.82 -5.15 3.52
CA GLY A 32 -8.19 -5.19 4.04
C GLY A 32 -8.63 -3.79 4.41
N ILE A 33 -9.87 -3.68 4.88
CA ILE A 33 -10.40 -2.38 5.34
C ILE A 33 -10.95 -2.62 6.73
N PHE A 34 -10.57 -1.76 7.68
CA PHE A 34 -10.86 -1.91 9.13
C PHE A 34 -11.50 -0.63 9.68
N VAL A 35 -12.31 -0.81 10.73
CA VAL A 35 -13.02 0.31 11.40
C VAL A 35 -12.00 1.00 12.31
N GLN A 36 -11.70 2.26 12.03
CA GLN A 36 -10.78 3.09 12.83
C GLN A 36 -11.57 3.87 13.92
N LEU A 37 -12.77 4.35 13.62
CA LEU A 37 -13.58 5.21 14.52
C LEU A 37 -15.04 4.89 14.28
N VAL A 38 -15.78 4.71 15.36
CA VAL A 38 -17.26 4.64 15.35
C VAL A 38 -17.76 5.82 16.17
N GLN A 39 -18.55 6.70 15.52
CA GLN A 39 -19.03 7.93 16.17
C GLN A 39 -20.21 7.53 17.05
N ALA A 40 -20.26 8.01 18.29
CA ALA A 40 -21.42 7.86 19.20
C ALA A 40 -22.70 8.33 18.50
N ASN A 41 -23.84 7.70 18.78
CA ASN A 41 -25.20 8.11 18.33
C ASN A 41 -25.27 8.09 16.80
N SER A 42 -24.47 7.27 16.12
CA SER A 42 -24.53 7.19 14.64
C SER A 42 -25.21 5.89 14.24
N PRO A 43 -25.59 5.78 12.96
CA PRO A 43 -26.03 4.50 12.38
C PRO A 43 -25.01 3.38 12.63
N ALA A 44 -23.72 3.67 12.48
CA ALA A 44 -22.68 2.66 12.64
C ALA A 44 -22.72 2.15 14.07
N SER A 45 -22.85 3.02 15.08
CA SER A 45 -22.91 2.49 16.48
C SER A 45 -24.23 1.73 16.66
N LEU A 46 -25.37 2.27 16.19
CA LEU A 46 -26.70 1.63 16.40
C LEU A 46 -26.67 0.21 15.82
N VAL A 47 -26.04 -0.01 14.66
CA VAL A 47 -26.05 -1.38 14.10
C VAL A 47 -24.94 -2.25 14.72
N GLY A 48 -24.11 -1.71 15.62
CA GLY A 48 -23.13 -2.49 16.36
C GLY A 48 -21.77 -2.60 15.68
N LEU A 49 -21.38 -1.71 14.75
CA LEU A 49 -19.95 -1.68 14.26
C LEU A 49 -19.01 -1.30 15.41
N ARG A 50 -17.86 -1.96 15.47
CA ARG A 50 -16.84 -1.83 16.53
C ARG A 50 -15.51 -1.45 15.92
N PHE A 51 -14.74 -0.65 16.66
CA PHE A 51 -13.31 -0.50 16.39
C PHE A 51 -12.69 -1.87 16.06
N GLY A 52 -11.88 -1.93 15.00
CA GLY A 52 -11.15 -3.14 14.57
C GLY A 52 -11.95 -4.11 13.72
N ASP A 53 -13.24 -3.90 13.49
CA ASP A 53 -14.06 -4.80 12.64
C ASP A 53 -13.47 -4.71 11.24
N GLN A 54 -13.45 -5.82 10.52
CA GLN A 54 -13.02 -5.78 9.13
C GLN A 54 -14.29 -5.63 8.26
N VAL A 55 -14.20 -4.77 7.27
CA VAL A 55 -15.24 -4.62 6.23
C VAL A 55 -14.82 -5.42 4.99
N LEU A 56 -15.48 -6.56 4.78
CA LEU A 56 -15.24 -7.53 3.68
C LEU A 56 -15.89 -6.96 2.43
N GLN A 57 -17.16 -6.62 2.56
CA GLN A 57 -17.87 -5.94 1.48
C GLN A 57 -18.70 -4.75 1.95
N ILE A 58 -18.92 -3.90 0.95
CA ILE A 58 -19.86 -2.77 0.95
C ILE A 58 -20.78 -2.98 -0.24
N ASN A 59 -22.09 -3.10 0.04
CA ASN A 59 -23.13 -3.30 -1.01
C ASN A 59 -22.66 -4.43 -1.95
N GLY A 60 -22.08 -5.52 -1.42
CA GLY A 60 -21.69 -6.70 -2.21
C GLY A 60 -20.43 -6.50 -3.06
N GLU A 61 -19.80 -5.32 -3.05
CA GLU A 61 -18.46 -5.11 -3.63
C GLU A 61 -17.39 -5.48 -2.59
N ASN A 62 -16.37 -6.19 -3.01
CA ASN A 62 -15.23 -6.56 -2.15
C ASN A 62 -14.38 -5.32 -1.89
N CYS A 63 -13.98 -5.12 -0.64
CA CYS A 63 -13.13 -4.00 -0.21
C CYS A 63 -11.65 -4.32 -0.44
N ALA A 64 -11.27 -5.54 -0.76
CA ALA A 64 -9.85 -5.96 -0.79
C ALA A 64 -9.02 -4.99 -1.61
N GLY A 65 -7.90 -4.52 -1.08
CA GLY A 65 -6.99 -3.63 -1.81
C GLY A 65 -7.48 -2.20 -1.91
N TRP A 66 -8.65 -1.82 -1.38
CA TRP A 66 -9.10 -0.40 -1.42
C TRP A 66 -8.18 0.46 -0.52
N SER A 67 -7.82 1.67 -0.96
CA SER A 67 -7.33 2.76 -0.08
C SER A 67 -8.39 3.13 0.96
N SER A 68 -7.99 3.65 2.12
CA SER A 68 -8.91 4.33 3.08
C SER A 68 -9.74 5.41 2.31
N ASP A 69 -9.14 6.22 1.44
CA ASP A 69 -9.88 7.22 0.61
C ASP A 69 -10.96 6.56 -0.26
N LYS A 70 -10.66 5.45 -0.98
CA LYS A 70 -11.69 4.84 -1.87
C LYS A 70 -12.86 4.29 -1.03
N ALA A 71 -12.61 3.66 0.11
CA ALA A 71 -13.71 3.16 0.98
C ALA A 71 -14.61 4.31 1.40
N HIS A 72 -14.02 5.42 1.85
CA HIS A 72 -14.71 6.68 2.26
C HIS A 72 -15.53 7.24 1.08
N LYS A 73 -14.96 7.22 -0.13
CA LYS A 73 -15.64 7.70 -1.36
C LYS A 73 -16.82 6.80 -1.69
N VAL A 74 -16.64 5.47 -1.68
CA VAL A 74 -17.76 4.53 -2.00
C VAL A 74 -18.89 4.81 -1.04
N LEU A 75 -18.58 4.89 0.26
CA LEU A 75 -19.61 5.18 1.28
C LEU A 75 -20.33 6.53 1.04
N LYS A 76 -19.61 7.56 0.57
CA LYS A 76 -20.17 8.92 0.34
C LYS A 76 -21.12 8.89 -0.87
N GLN A 77 -20.89 7.99 -1.85
CA GLN A 77 -21.75 7.87 -3.07
C GLN A 77 -22.82 6.76 -3.07
N ALA A 78 -23.06 6.12 -1.92
CA ALA A 78 -24.10 5.07 -1.76
C ALA A 78 -25.48 5.70 -1.51
N PHE A 79 -26.52 5.19 -2.17
CA PHE A 79 -27.94 5.60 -1.95
C PHE A 79 -28.34 5.20 -0.52
N GLY A 80 -28.15 6.13 0.43
CA GLY A 80 -28.07 5.90 1.88
C GLY A 80 -29.25 5.13 2.47
N GLU A 81 -30.39 5.05 1.76
CA GLU A 81 -31.59 4.27 2.18
C GLU A 81 -31.12 2.99 2.89
N LYS A 82 -30.49 2.08 2.14
CA LYS A 82 -30.00 0.77 2.63
C LYS A 82 -28.56 0.59 2.15
N ILE A 83 -27.62 0.50 3.09
CA ILE A 83 -26.19 0.16 2.81
C ILE A 83 -25.94 -1.19 3.49
N THR A 84 -25.56 -2.20 2.70
CA THR A 84 -25.19 -3.52 3.27
C THR A 84 -23.67 -3.54 3.49
N MET A 85 -23.27 -4.10 4.62
CA MET A 85 -21.83 -4.36 4.85
C MET A 85 -21.70 -5.79 5.33
N THR A 86 -20.70 -6.49 4.80
CA THR A 86 -20.26 -7.79 5.30
C THR A 86 -19.06 -7.52 6.21
N ILE A 87 -19.14 -7.99 7.46
CA ILE A 87 -18.21 -7.63 8.57
C ILE A 87 -17.53 -8.92 9.08
N ARG A 88 -16.21 -8.92 9.22
CA ARG A 88 -15.57 -9.92 10.08
C ARG A 88 -15.26 -9.31 11.46
N ASP A 89 -15.65 -10.01 12.50
CA ASP A 89 -15.64 -9.46 13.86
C ASP A 89 -14.21 -9.30 14.38
N ARG A 90 -13.78 -8.06 14.65
CA ARG A 90 -12.49 -7.69 15.30
C ARG A 90 -11.36 -8.71 15.11
N PRO A 91 -10.91 -8.95 13.87
CA PRO A 91 -10.02 -10.06 13.64
C PRO A 91 -8.64 -9.91 14.28
N PHE A 92 -8.17 -8.69 14.53
CA PHE A 92 -6.86 -8.46 15.21
C PHE A 92 -6.96 -8.56 16.73
N GLU A 93 -8.12 -8.78 17.30
CA GLU A 93 -8.26 -8.65 18.77
C GLU A 93 -8.57 -10.01 19.41
N ARG A 94 -8.30 -10.13 20.70
CA ARG A 94 -8.70 -11.30 21.51
C ARG A 94 -9.29 -10.78 22.82
N THR A 95 -10.09 -11.60 23.47
CA THR A 95 -10.73 -11.24 24.76
C THR A 95 -10.16 -12.16 25.84
N ILE A 96 -9.79 -11.59 26.97
CA ILE A 96 -9.22 -12.29 28.14
C ILE A 96 -10.16 -12.02 29.31
N THR A 97 -10.60 -13.07 30.00
CA THR A 97 -11.43 -12.98 31.23
C THR A 97 -10.54 -13.16 32.46
N MET A 98 -10.58 -12.19 33.37
CA MET A 98 -9.80 -12.16 34.63
C MET A 98 -10.75 -11.90 35.79
N HIS A 99 -10.27 -12.13 37.02
CA HIS A 99 -11.03 -12.06 38.31
C HIS A 99 -10.20 -11.20 39.24
N LYS A 100 -10.77 -10.11 39.77
CA LYS A 100 -10.05 -9.25 40.74
C LYS A 100 -9.71 -10.12 41.94
N ASP A 101 -8.55 -9.90 42.57
CA ASP A 101 -8.17 -10.52 43.87
C ASP A 101 -8.90 -9.69 44.94
N SER A 102 -8.87 -10.05 46.22
CA SER A 102 -9.75 -9.36 47.23
C SER A 102 -9.33 -7.89 47.41
N THR A 103 -8.10 -7.54 47.00
CA THR A 103 -7.58 -6.14 46.93
C THR A 103 -8.13 -5.37 45.71
N GLY A 104 -9.05 -5.95 44.92
CA GLY A 104 -9.57 -5.37 43.67
C GLY A 104 -8.56 -5.31 42.52
N HIS A 105 -7.51 -6.12 42.49
CA HIS A 105 -6.49 -6.08 41.40
C HIS A 105 -6.69 -7.26 40.43
N VAL A 106 -6.64 -7.02 39.12
CA VAL A 106 -6.49 -8.10 38.08
C VAL A 106 -5.02 -8.43 37.81
N GLY A 107 -4.13 -7.44 37.91
CA GLY A 107 -2.69 -7.69 38.05
C GLY A 107 -1.89 -7.25 36.83
N PHE A 108 -2.07 -6.04 36.32
CA PHE A 108 -1.16 -5.47 35.30
C PHE A 108 -1.00 -3.96 35.48
N ILE A 109 0.01 -3.42 34.80
CA ILE A 109 0.26 -1.97 34.61
C ILE A 109 0.16 -1.68 33.12
N PHE A 110 -0.38 -0.52 32.80
CA PHE A 110 -0.52 -0.06 31.41
C PHE A 110 -0.23 1.44 31.35
N LYS A 111 0.09 1.94 30.16
CA LYS A 111 0.44 3.36 29.91
C LYS A 111 -0.02 3.78 28.51
N ASN A 112 -0.80 4.86 28.40
CA ASN A 112 -1.49 5.28 27.15
C ASN A 112 -2.29 4.09 26.62
N GLY A 113 -2.96 3.35 27.49
CA GLY A 113 -3.79 2.19 27.11
C GLY A 113 -2.99 0.93 26.76
N LYS A 114 -1.64 0.95 26.81
CA LYS A 114 -0.75 -0.17 26.43
C LYS A 114 -0.26 -0.91 27.67
N ILE A 115 -0.55 -2.20 27.78
CA ILE A 115 -0.10 -3.07 28.91
C ILE A 115 1.41 -3.18 28.83
N THR A 116 2.10 -2.89 29.93
CA THR A 116 3.59 -2.76 30.00
C THR A 116 4.12 -3.78 30.99
N SER A 117 3.35 -4.24 31.96
CA SER A 117 3.86 -5.40 32.73
C SER A 117 2.70 -6.17 33.35
N ILE A 118 2.99 -7.43 33.67
CA ILE A 118 2.04 -8.39 34.28
C ILE A 118 2.59 -8.68 35.67
N VAL A 119 1.74 -8.61 36.69
CA VAL A 119 2.20 -8.78 38.09
C VAL A 119 2.22 -10.27 38.42
N LYS A 120 3.31 -10.74 38.99
CA LYS A 120 3.47 -12.18 39.33
C LYS A 120 2.32 -12.59 40.23
N ASP A 121 1.83 -13.83 40.06
CA ASP A 121 0.81 -14.49 40.94
C ASP A 121 -0.57 -13.82 40.85
N SER A 122 -0.86 -13.04 39.78
CA SER A 122 -2.17 -12.39 39.52
C SER A 122 -3.05 -13.21 38.55
N SER A 123 -4.33 -12.88 38.49
CA SER A 123 -5.29 -13.35 37.45
C SER A 123 -4.76 -13.07 36.04
N ALA A 124 -4.12 -11.91 35.82
CA ALA A 124 -3.55 -11.53 34.51
C ALA A 124 -2.44 -12.50 34.12
N ALA A 125 -1.59 -12.89 35.10
CA ALA A 125 -0.54 -13.90 34.90
C ALA A 125 -1.20 -15.24 34.63
N ARG A 126 -2.17 -15.63 35.45
CA ARG A 126 -2.77 -16.98 35.35
C ARG A 126 -3.46 -17.15 34.00
N ASN A 127 -3.92 -16.03 33.42
CA ASN A 127 -4.73 -15.98 32.17
C ASN A 127 -3.88 -15.60 30.94
N GLY A 128 -2.59 -15.41 31.11
CA GLY A 128 -1.65 -15.15 30.01
C GLY A 128 -1.90 -13.84 29.30
N LEU A 129 -2.24 -12.79 30.05
CA LEU A 129 -2.32 -11.42 29.51
C LEU A 129 -0.95 -11.07 28.98
N LEU A 130 -0.88 -10.41 27.86
CA LEU A 130 0.41 -10.07 27.26
C LEU A 130 0.66 -8.57 27.40
N THR A 131 1.92 -8.21 27.45
CA THR A 131 2.36 -6.80 27.26
C THR A 131 2.39 -6.38 25.79
N GLU A 132 2.68 -5.10 25.53
CA GLU A 132 2.79 -4.53 24.18
C GLU A 132 1.45 -4.81 23.47
N HIS A 133 0.37 -4.76 24.23
CA HIS A 133 -1.01 -4.91 23.72
C HIS A 133 -1.81 -3.71 24.22
N ASN A 134 -2.52 -3.07 23.32
CA ASN A 134 -3.44 -1.94 23.61
C ASN A 134 -4.75 -2.50 24.09
N ILE A 135 -5.31 -1.87 25.11
CA ILE A 135 -6.68 -2.17 25.59
C ILE A 135 -7.64 -1.52 24.62
N CYS A 136 -8.50 -2.30 23.99
CA CYS A 136 -9.54 -1.78 23.07
C CYS A 136 -10.88 -1.63 23.80
N GLU A 137 -11.18 -2.53 24.70
CA GLU A 137 -12.52 -2.66 25.29
C GLU A 137 -12.37 -3.30 26.66
N ILE A 138 -13.19 -2.84 27.59
CA ILE A 138 -13.33 -3.48 28.93
C ILE A 138 -14.80 -3.80 29.10
N ASN A 139 -15.10 -5.05 29.41
CA ASN A 139 -16.50 -5.47 29.62
C ASN A 139 -17.37 -4.96 28.49
N GLY A 140 -16.87 -4.97 27.25
CA GLY A 140 -17.67 -4.70 26.05
C GLY A 140 -17.73 -3.22 25.73
N GLN A 141 -17.10 -2.38 26.54
CA GLN A 141 -17.13 -0.91 26.37
C GLN A 141 -15.86 -0.49 25.69
N ASN A 142 -15.96 0.21 24.59
CA ASN A 142 -14.77 0.77 23.90
C ASN A 142 -14.13 1.80 24.84
N VAL A 143 -12.81 1.74 25.08
CA VAL A 143 -12.09 2.67 26.01
C VAL A 143 -10.98 3.37 25.25
N ILE A 144 -11.01 3.28 23.94
CA ILE A 144 -9.87 3.82 23.14
C ILE A 144 -9.91 5.35 23.19
N GLY A 145 -8.88 5.95 23.76
CA GLY A 145 -8.72 7.42 23.80
C GLY A 145 -9.08 7.97 25.17
N LEU A 146 -9.67 7.16 26.05
CA LEU A 146 -9.92 7.58 27.44
C LEU A 146 -8.56 7.75 28.12
N LYS A 147 -8.50 8.62 29.11
CA LYS A 147 -7.27 8.83 29.91
C LYS A 147 -6.97 7.53 30.65
N ASP A 148 -5.72 7.28 31.02
CA ASP A 148 -5.39 6.05 31.76
C ASP A 148 -6.24 6.01 33.02
N SER A 149 -6.49 7.18 33.61
CA SER A 149 -7.20 7.30 34.89
C SER A 149 -8.65 6.87 34.68
N GLN A 150 -9.28 7.21 33.56
CA GLN A 150 -10.69 6.77 33.30
C GLN A 150 -10.71 5.25 33.07
N ILE A 151 -9.65 4.69 32.51
CA ILE A 151 -9.58 3.23 32.24
C ILE A 151 -9.46 2.54 33.60
N ALA A 152 -8.59 3.04 34.47
CA ALA A 152 -8.43 2.49 35.84
C ALA A 152 -9.75 2.62 36.59
N ASP A 153 -10.45 3.74 36.45
CA ASP A 153 -11.79 3.97 37.07
C ASP A 153 -12.72 2.82 36.67
N ILE A 154 -12.91 2.61 35.36
CA ILE A 154 -13.75 1.52 34.77
C ILE A 154 -13.39 0.16 35.37
N LEU A 155 -12.10 -0.12 35.58
CA LEU A 155 -11.68 -1.43 36.15
C LEU A 155 -12.01 -1.47 37.63
N SER A 156 -11.86 -0.34 38.34
CA SER A 156 -12.32 -0.13 39.74
C SER A 156 -13.80 -0.47 39.89
N THR A 157 -14.64 0.01 38.97
CA THR A 157 -16.12 0.02 39.13
C THR A 157 -16.71 -1.26 38.53
N SER A 158 -15.95 -1.99 37.70
CA SER A 158 -16.36 -3.32 37.21
C SER A 158 -16.56 -4.27 38.40
N GLY A 159 -17.40 -5.29 38.25
CA GLY A 159 -17.49 -6.46 39.15
C GLY A 159 -16.19 -7.22 39.20
N THR A 160 -16.14 -8.31 39.96
CA THR A 160 -14.88 -9.04 40.20
C THR A 160 -14.38 -9.61 38.85
N VAL A 161 -15.32 -10.08 38.00
CA VAL A 161 -15.06 -10.65 36.65
C VAL A 161 -14.84 -9.49 35.67
N VAL A 162 -13.65 -9.39 35.12
CA VAL A 162 -13.26 -8.34 34.16
C VAL A 162 -12.92 -9.03 32.81
N THR A 163 -13.62 -8.64 31.78
CA THR A 163 -13.28 -8.99 30.38
C THR A 163 -12.51 -7.84 29.79
N ILE A 164 -11.37 -8.12 29.14
CA ILE A 164 -10.57 -7.12 28.39
C ILE A 164 -10.33 -7.61 26.95
N THR A 165 -10.57 -6.73 25.98
CA THR A 165 -10.31 -6.98 24.57
C THR A 165 -9.04 -6.22 24.22
N ILE A 166 -8.01 -6.94 23.77
CA ILE A 166 -6.68 -6.35 23.47
C ILE A 166 -6.31 -6.57 22.00
N MET A 167 -5.36 -5.78 21.56
CA MET A 167 -4.79 -5.79 20.20
C MET A 167 -3.29 -5.58 20.33
N PRO A 168 -2.50 -6.35 19.55
CA PRO A 168 -1.07 -6.11 19.42
C PRO A 168 -0.84 -4.62 19.10
N ALA A 169 0.07 -4.03 19.83
CA ALA A 169 0.35 -2.57 19.81
C ALA A 169 0.78 -2.10 18.42
N PHE A 170 1.62 -2.87 17.71
N PHE A 170 1.57 -2.90 17.71
CA PHE A 170 2.04 -2.53 16.33
CA PHE A 170 2.06 -2.55 16.35
C PHE A 170 0.79 -2.36 15.46
C PHE A 170 0.86 -2.45 15.38
N ILE A 171 -0.17 -3.28 15.58
CA ILE A 171 -1.39 -3.25 14.74
C ILE A 171 -2.25 -2.03 15.16
N PHE A 172 -2.50 -1.87 16.45
CA PHE A 172 -3.20 -0.72 17.04
C PHE A 172 -2.60 0.61 16.51
N GLU A 173 -1.30 0.79 16.62
CA GLU A 173 -0.59 2.01 16.16
C GLU A 173 -0.77 2.24 14.66
N HIS A 174 -0.86 1.16 13.87
CA HIS A 174 -1.08 1.23 12.40
C HIS A 174 -2.51 1.71 12.11
N ILE A 175 -3.49 1.33 12.94
CA ILE A 175 -4.92 1.64 12.66
C ILE A 175 -5.21 3.10 13.04
N ILE A 176 -4.73 3.56 14.19
CA ILE A 176 -5.06 4.90 14.78
C ILE A 176 -4.12 5.98 14.24
N LYS A 177 -3.17 5.62 13.36
CA LYS A 177 -2.32 6.60 12.62
C LYS A 177 -3.23 7.59 11.88
N ARG A 178 -3.13 8.88 12.22
CA ARG A 178 -3.87 9.99 11.57
C ARG A 178 -5.23 10.19 12.24
N MET A 179 -5.27 10.01 13.58
CA MET A 179 -6.43 10.35 14.46
C MET A 179 -5.92 10.73 15.85
N ALA A 180 -5.39 11.94 15.99
CA ALA A 180 -4.80 12.51 17.23
C ALA A 180 -5.76 12.30 18.40
N PRO A 181 -5.23 12.16 19.65
CA PRO A 181 -6.05 11.77 20.80
C PRO A 181 -6.97 12.86 21.35
N SER A 182 -7.60 13.65 20.47
CA SER A 182 -8.74 14.55 20.80
C SER A 182 -10.04 13.88 20.34
N ILE A 183 -10.18 13.63 19.03
CA ILE A 183 -11.32 12.87 18.43
C ILE A 183 -11.38 11.49 19.11
N MET A 184 -10.22 10.89 19.37
CA MET A 184 -10.11 9.54 19.99
C MET A 184 -10.84 9.57 21.35
N LYS A 185 -10.49 10.53 22.22
CA LYS A 185 -11.22 10.78 23.49
C LYS A 185 -12.61 11.36 23.19
N SER A 186 -12.69 12.36 22.31
CA SER A 186 -13.94 13.14 22.08
C SER A 186 -15.04 12.32 21.41
N LEU A 187 -14.73 11.61 20.32
CA LEU A 187 -15.76 11.19 19.32
C LEU A 187 -15.85 9.67 19.11
N MET A 188 -14.80 8.89 19.39
CA MET A 188 -14.91 7.40 19.51
C MET A 188 -16.02 7.05 20.51
N ASP A 189 -17.00 6.32 20.03
CA ASP A 189 -18.12 5.81 20.82
C ASP A 189 -17.59 5.01 22.01
N HIS A 190 -17.85 5.48 23.24
CA HIS A 190 -17.46 4.81 24.50
C HIS A 190 -18.69 4.35 25.26
N THR A 191 -19.88 4.43 24.68
CA THR A 191 -21.11 4.08 25.40
C THR A 191 -21.28 2.56 25.39
N ILE A 192 -22.05 2.06 26.33
CA ILE A 192 -22.66 0.71 26.30
C ILE A 192 -23.65 0.74 25.15
N PRO A 193 -23.78 -0.32 24.32
CA PRO A 193 -24.77 -0.34 23.22
C PRO A 193 -26.21 -0.40 23.71
N GLU A 194 -27.10 0.25 22.97
CA GLU A 194 -28.54 0.34 23.29
C GLU A 194 -29.22 -1.00 22.95
N VAL A 195 -30.27 -1.41 23.68
CA VAL A 195 -31.12 -2.55 23.23
C VAL A 195 -32.51 -2.01 22.87
N ALA B 3 -15.26 32.17 -12.82
CA ALA B 3 -14.46 33.15 -12.03
C ALA B 3 -15.37 34.22 -11.39
N GLU B 4 -16.58 34.43 -11.93
CA GLU B 4 -17.68 35.32 -11.42
C GLU B 4 -17.83 35.18 -9.88
N ILE B 5 -17.77 36.30 -9.13
CA ILE B 5 -18.01 36.28 -7.64
C ILE B 5 -19.52 36.03 -7.47
N LYS B 6 -19.90 34.83 -6.98
CA LYS B 6 -21.30 34.33 -6.89
C LYS B 6 -21.98 34.94 -5.65
N GLN B 7 -22.70 36.06 -5.83
CA GLN B 7 -23.33 36.79 -4.70
C GLN B 7 -24.14 35.81 -3.84
N GLY B 8 -23.66 35.57 -2.62
CA GLY B 8 -24.40 34.81 -1.60
C GLY B 8 -23.59 33.65 -1.03
N ILE B 9 -24.31 32.86 -0.24
CA ILE B 9 -23.84 31.82 0.71
C ILE B 9 -24.06 30.44 0.08
N ARG B 10 -23.06 29.56 0.13
CA ARG B 10 -23.24 28.14 -0.25
C ARG B 10 -22.69 27.22 0.85
N GLU B 11 -23.16 25.97 0.88
CA GLU B 11 -22.67 24.94 1.82
C GLU B 11 -21.70 24.09 1.00
N VAL B 12 -20.50 23.84 1.50
CA VAL B 12 -19.57 22.83 0.94
C VAL B 12 -19.45 21.72 1.98
N ILE B 13 -19.16 20.51 1.52
CA ILE B 13 -19.08 19.29 2.39
C ILE B 13 -17.71 18.64 2.16
N LEU B 14 -16.92 18.53 3.22
CA LEU B 14 -15.54 18.01 3.14
C LEU B 14 -15.47 16.72 3.91
N CYS B 15 -14.62 15.84 3.44
CA CYS B 15 -14.22 14.55 4.05
C CYS B 15 -12.71 14.64 4.28
N LYS B 16 -12.23 14.59 5.54
CA LYS B 16 -10.76 14.55 5.81
C LYS B 16 -10.16 13.35 5.07
N ASP B 17 -8.98 13.56 4.50
CA ASP B 17 -8.23 12.50 3.79
C ASP B 17 -7.62 11.54 4.83
N GLN B 18 -6.86 10.56 4.37
CA GLN B 18 -6.40 9.43 5.22
C GLN B 18 -5.32 9.99 6.15
N ASP B 19 -4.77 11.17 5.86
CA ASP B 19 -3.87 11.87 6.83
C ASP B 19 -4.63 12.73 7.86
N GLY B 20 -5.98 12.75 7.87
CA GLY B 20 -6.75 13.56 8.83
C GLY B 20 -6.78 15.03 8.40
N LYS B 21 -6.41 15.33 7.15
CA LYS B 21 -6.21 16.73 6.67
C LYS B 21 -7.28 17.13 5.66
N ILE B 22 -7.46 18.44 5.55
CA ILE B 22 -8.52 19.14 4.77
C ILE B 22 -7.80 19.85 3.62
N GLY B 23 -6.61 20.35 3.90
CA GLY B 23 -5.77 21.17 3.01
C GLY B 23 -6.15 22.66 3.04
N LEU B 24 -6.46 23.20 4.21
CA LEU B 24 -6.87 24.61 4.39
C LEU B 24 -5.94 25.26 5.40
N ARG B 25 -5.63 26.53 5.20
CA ARG B 25 -5.29 27.39 6.34
C ARG B 25 -6.31 28.54 6.39
N LEU B 26 -6.70 28.88 7.60
CA LEU B 26 -7.71 29.89 7.94
C LEU B 26 -7.03 31.05 8.64
N LYS B 27 -7.56 32.25 8.41
CA LYS B 27 -7.05 33.48 9.04
C LYS B 27 -8.19 34.35 9.53
N SER B 28 -8.05 34.84 10.75
CA SER B 28 -8.95 35.86 11.35
C SER B 28 -8.74 37.21 10.66
N ILE B 29 -9.80 37.78 10.06
CA ILE B 29 -9.76 39.15 9.44
C ILE B 29 -11.06 39.87 9.82
N ASP B 30 -10.98 40.99 10.54
CA ASP B 30 -12.12 41.90 10.81
C ASP B 30 -13.21 41.07 11.49
N ASN B 31 -12.84 40.12 12.36
CA ASN B 31 -13.75 39.24 13.12
C ASN B 31 -14.52 38.27 12.25
N GLY B 32 -14.05 37.99 11.04
CA GLY B 32 -14.43 36.82 10.25
C GLY B 32 -13.27 35.86 10.14
N ILE B 33 -13.50 34.78 9.44
CA ILE B 33 -12.49 33.75 9.14
C ILE B 33 -12.44 33.64 7.61
N PHE B 34 -11.23 33.68 7.05
CA PHE B 34 -10.97 33.62 5.60
C PHE B 34 -9.92 32.56 5.31
N VAL B 35 -9.97 32.04 4.10
CA VAL B 35 -9.04 31.01 3.60
C VAL B 35 -7.78 31.72 3.17
N GLN B 36 -6.63 31.44 3.82
CA GLN B 36 -5.34 32.02 3.37
C GLN B 36 -4.60 30.99 2.53
N LEU B 37 -4.98 29.72 2.57
CA LEU B 37 -4.33 28.67 1.73
C LEU B 37 -5.31 27.52 1.47
N VAL B 38 -5.40 27.14 0.22
CA VAL B 38 -5.98 25.83 -0.19
C VAL B 38 -4.82 25.03 -0.78
N GLN B 39 -4.62 23.79 -0.32
CA GLN B 39 -3.56 22.89 -0.87
C GLN B 39 -4.03 22.20 -2.16
N ALA B 40 -3.16 22.17 -3.17
CA ALA B 40 -3.31 21.37 -4.39
C ALA B 40 -3.66 19.90 -4.00
N ASN B 41 -4.65 19.28 -4.62
CA ASN B 41 -5.02 17.84 -4.39
C ASN B 41 -5.32 17.60 -2.91
N SER B 42 -6.26 18.37 -2.34
CA SER B 42 -6.74 18.22 -0.95
C SER B 42 -8.23 18.06 -1.04
N PRO B 43 -8.91 17.62 0.04
CA PRO B 43 -10.34 17.71 0.07
C PRO B 43 -10.76 19.15 -0.26
N ALA B 44 -10.07 20.14 0.32
CA ALA B 44 -10.44 21.56 0.10
C ALA B 44 -10.36 21.90 -1.40
N SER B 45 -9.29 21.58 -2.13
CA SER B 45 -9.25 21.89 -3.58
C SER B 45 -10.34 21.07 -4.31
N LEU B 46 -10.53 19.81 -3.95
CA LEU B 46 -11.57 18.99 -4.65
C LEU B 46 -12.95 19.62 -4.48
N VAL B 47 -13.34 20.17 -3.32
CA VAL B 47 -14.73 20.70 -3.15
C VAL B 47 -14.83 22.16 -3.62
N GLY B 48 -13.76 22.73 -4.16
CA GLY B 48 -13.88 24.06 -4.81
C GLY B 48 -13.69 25.21 -3.85
N LEU B 49 -13.16 24.98 -2.65
CA LEU B 49 -12.77 26.12 -1.76
C LEU B 49 -11.65 26.93 -2.42
N ARG B 50 -11.63 28.25 -2.15
CA ARG B 50 -10.69 29.18 -2.84
C ARG B 50 -10.07 30.13 -1.84
N PHE B 51 -8.80 30.48 -2.11
CA PHE B 51 -8.20 31.63 -1.42
C PHE B 51 -9.23 32.77 -1.39
N GLY B 52 -9.41 33.37 -0.22
CA GLY B 52 -10.23 34.54 -0.05
C GLY B 52 -11.65 34.18 0.39
N ASP B 53 -12.08 32.93 0.27
CA ASP B 53 -13.43 32.51 0.72
C ASP B 53 -13.59 32.83 2.21
N GLN B 54 -14.77 33.23 2.61
CA GLN B 54 -15.08 33.54 4.01
C GLN B 54 -15.78 32.30 4.53
N VAL B 55 -15.38 31.86 5.70
CA VAL B 55 -16.07 30.73 6.36
C VAL B 55 -16.98 31.34 7.40
N LEU B 56 -18.31 31.20 7.23
CA LEU B 56 -19.36 31.75 8.14
C LEU B 56 -19.57 30.76 9.27
N GLN B 57 -19.70 29.50 8.91
CA GLN B 57 -19.85 28.43 9.92
C GLN B 57 -19.08 27.17 9.56
N ILE B 58 -18.68 26.45 10.60
CA ILE B 58 -18.11 25.07 10.51
C ILE B 58 -18.98 24.18 11.35
N ASN B 59 -19.63 23.22 10.69
CA ASN B 59 -20.53 22.26 11.37
C ASN B 59 -21.62 23.03 12.08
N GLY B 60 -22.16 24.11 11.49
CA GLY B 60 -23.31 24.81 12.11
C GLY B 60 -22.91 25.73 13.25
N GLU B 61 -21.61 25.87 13.54
CA GLU B 61 -21.10 26.80 14.57
C GLU B 61 -20.60 28.09 13.87
N ASN B 62 -20.95 29.25 14.40
CA ASN B 62 -20.54 30.53 13.77
C ASN B 62 -19.04 30.78 14.02
N CYS B 63 -18.35 31.21 13.01
CA CYS B 63 -16.90 31.49 13.08
C CYS B 63 -16.64 32.91 13.58
N ALA B 64 -17.67 33.75 13.63
CA ALA B 64 -17.53 35.18 14.01
C ALA B 64 -16.71 35.30 15.30
N GLY B 65 -15.66 36.14 15.26
CA GLY B 65 -14.82 36.46 16.44
C GLY B 65 -13.80 35.35 16.73
N TRP B 66 -13.76 34.26 15.96
CA TRP B 66 -12.77 33.17 16.23
C TRP B 66 -11.36 33.63 15.86
N SER B 67 -10.37 33.32 16.70
CA SER B 67 -8.94 33.43 16.31
C SER B 67 -8.64 32.40 15.21
N SER B 68 -7.55 32.58 14.47
CA SER B 68 -7.07 31.59 13.47
C SER B 68 -6.73 30.29 14.18
N ASP B 69 -6.21 30.39 15.40
CA ASP B 69 -5.88 29.19 16.23
C ASP B 69 -7.17 28.44 16.58
N LYS B 70 -8.22 29.16 17.00
CA LYS B 70 -9.49 28.47 17.34
C LYS B 70 -10.07 27.77 16.10
N ALA B 71 -10.07 28.38 14.93
CA ALA B 71 -10.63 27.75 13.71
C ALA B 71 -9.87 26.44 13.34
N HIS B 72 -8.55 26.48 13.27
CA HIS B 72 -7.66 25.30 13.07
C HIS B 72 -7.94 24.20 14.11
N LYS B 73 -8.16 24.59 15.35
CA LYS B 73 -8.44 23.64 16.44
C LYS B 73 -9.77 22.94 16.13
N VAL B 74 -10.75 23.71 15.72
CA VAL B 74 -12.10 23.15 15.45
C VAL B 74 -12.00 22.13 14.30
N LEU B 75 -11.21 22.43 13.26
CA LEU B 75 -10.99 21.53 12.12
C LEU B 75 -10.19 20.27 12.56
N LYS B 76 -9.07 20.48 13.25
CA LYS B 76 -8.25 19.40 13.84
C LYS B 76 -9.19 18.46 14.61
N GLN B 77 -10.08 18.99 15.45
CA GLN B 77 -10.98 18.21 16.36
C GLN B 77 -12.22 17.61 15.70
N ALA B 78 -12.53 17.96 14.45
CA ALA B 78 -13.78 17.49 13.82
C ALA B 78 -13.69 16.01 13.35
N PHE B 79 -14.72 15.22 13.62
CA PHE B 79 -14.92 13.89 13.00
C PHE B 79 -14.78 14.09 11.49
N GLY B 80 -14.01 13.26 10.80
CA GLY B 80 -13.64 13.72 9.45
C GLY B 80 -14.57 13.28 8.38
N GLU B 81 -15.68 12.63 8.72
CA GLU B 81 -16.58 12.03 7.72
C GLU B 81 -17.26 13.14 6.92
N LYS B 82 -17.93 14.05 7.62
CA LYS B 82 -18.69 15.15 6.94
C LYS B 82 -18.49 16.44 7.75
N ILE B 83 -17.69 17.33 7.21
CA ILE B 83 -17.46 18.64 7.83
C ILE B 83 -18.23 19.59 6.92
N THR B 84 -19.24 20.23 7.45
CA THR B 84 -20.04 21.23 6.68
C THR B 84 -19.43 22.62 6.89
N MET B 85 -19.12 23.29 5.81
CA MET B 85 -18.80 24.73 5.86
C MET B 85 -19.86 25.57 5.13
N THR B 86 -20.29 26.65 5.75
CA THR B 86 -21.03 27.73 5.05
C THR B 86 -20.05 28.80 4.60
N ILE B 87 -20.02 29.05 3.31
CA ILE B 87 -18.99 29.84 2.60
C ILE B 87 -19.67 31.06 1.96
N ARG B 88 -19.09 32.25 2.14
CA ARG B 88 -19.37 33.42 1.29
C ARG B 88 -18.21 33.52 0.30
N ASP B 89 -18.54 33.54 -0.97
CA ASP B 89 -17.60 33.51 -2.09
C ASP B 89 -16.70 34.76 -2.08
N ARG B 90 -15.40 34.55 -1.83
CA ARG B 90 -14.27 35.54 -1.99
C ARG B 90 -14.72 36.99 -1.82
N PRO B 91 -15.26 37.40 -0.67
CA PRO B 91 -15.94 38.68 -0.54
C PRO B 91 -15.05 39.92 -0.71
N PHE B 92 -13.74 39.81 -0.51
CA PHE B 92 -12.80 40.94 -0.70
C PHE B 92 -12.33 41.03 -2.13
N GLU B 93 -12.79 40.17 -3.01
CA GLU B 93 -12.34 40.15 -4.41
C GLU B 93 -13.42 40.51 -5.41
N ARG B 94 -13.01 40.92 -6.61
CA ARG B 94 -13.91 41.10 -7.76
C ARG B 94 -13.20 40.59 -9.00
N THR B 95 -13.94 40.40 -10.06
CA THR B 95 -13.31 39.93 -11.32
C THR B 95 -13.53 40.95 -12.38
N ILE B 96 -12.52 41.17 -13.21
CA ILE B 96 -12.61 42.11 -14.33
C ILE B 96 -12.35 41.28 -15.58
N THR B 97 -13.15 41.47 -16.62
CA THR B 97 -12.96 40.78 -17.92
C THR B 97 -12.41 41.80 -18.89
N MET B 98 -11.36 41.39 -19.57
CA MET B 98 -10.61 42.16 -20.58
C MET B 98 -10.42 41.35 -21.85
N HIS B 99 -10.03 42.02 -22.93
CA HIS B 99 -9.79 41.42 -24.27
C HIS B 99 -8.38 41.80 -24.71
N LYS B 100 -7.55 40.83 -25.05
CA LYS B 100 -6.20 41.10 -25.58
C LYS B 100 -6.38 41.95 -26.83
N ASP B 101 -5.52 42.92 -27.05
CA ASP B 101 -5.53 43.67 -28.32
C ASP B 101 -4.70 42.84 -29.32
N SER B 102 -4.39 43.38 -30.49
CA SER B 102 -3.75 42.62 -31.60
C SER B 102 -2.31 42.30 -31.23
N THR B 103 -1.74 42.99 -30.22
CA THR B 103 -0.37 42.76 -29.72
C THR B 103 -0.39 41.67 -28.64
N GLY B 104 -1.57 41.18 -28.24
CA GLY B 104 -1.69 40.21 -27.13
C GLY B 104 -1.71 40.86 -25.74
N HIS B 105 -1.94 42.16 -25.61
CA HIS B 105 -1.89 42.88 -24.30
C HIS B 105 -3.28 43.26 -23.83
N VAL B 106 -3.50 43.26 -22.52
CA VAL B 106 -4.76 43.78 -21.91
C VAL B 106 -4.57 45.18 -21.33
N GLY B 107 -3.35 45.54 -20.94
CA GLY B 107 -3.00 46.96 -20.71
C GLY B 107 -2.65 47.25 -19.26
N PHE B 108 -1.84 46.41 -18.60
CA PHE B 108 -1.34 46.80 -17.26
C PHE B 108 0.10 46.35 -17.06
N ILE B 109 0.66 46.91 -16.00
CA ILE B 109 1.97 46.55 -15.45
C ILE B 109 1.74 46.04 -14.02
N PHE B 110 2.47 45.00 -13.63
CA PHE B 110 2.41 44.45 -12.27
C PHE B 110 3.84 44.10 -11.82
N LYS B 111 4.01 44.06 -10.52
CA LYS B 111 5.26 43.66 -9.82
C LYS B 111 4.88 42.99 -8.51
N ASN B 112 5.50 41.85 -8.22
CA ASN B 112 5.18 40.94 -7.08
C ASN B 112 3.67 40.71 -7.01
N GLY B 113 3.03 40.37 -8.14
CA GLY B 113 1.61 40.07 -8.18
C GLY B 113 0.72 41.30 -8.02
N LYS B 114 1.28 42.51 -7.95
CA LYS B 114 0.48 43.72 -7.65
C LYS B 114 0.41 44.63 -8.87
N ILE B 115 -0.81 44.98 -9.28
CA ILE B 115 -1.05 45.89 -10.45
C ILE B 115 -0.55 47.26 -10.04
N THR B 116 0.36 47.82 -10.82
CA THR B 116 0.99 49.11 -10.47
C THR B 116 0.72 50.17 -11.53
N SER B 117 0.27 49.83 -12.70
CA SER B 117 -0.07 50.87 -13.68
C SER B 117 -1.08 50.32 -14.70
N ILE B 118 -1.93 51.21 -15.20
CA ILE B 118 -3.00 50.90 -16.20
C ILE B 118 -2.56 51.56 -17.48
N VAL B 119 -2.46 50.84 -18.57
CA VAL B 119 -2.00 51.47 -19.85
C VAL B 119 -3.19 52.20 -20.47
N LYS B 120 -2.93 53.42 -20.96
CA LYS B 120 -3.83 54.32 -21.72
C LYS B 120 -4.52 53.56 -22.87
N ASP B 121 -5.85 53.70 -22.99
CA ASP B 121 -6.62 53.21 -24.16
C ASP B 121 -6.44 51.71 -24.35
N SER B 122 -6.35 50.96 -23.26
CA SER B 122 -6.26 49.50 -23.23
C SER B 122 -7.63 48.89 -22.80
N SER B 123 -7.76 47.58 -22.92
CA SER B 123 -8.91 46.83 -22.36
C SER B 123 -8.96 47.08 -20.82
N ALA B 124 -7.83 47.02 -20.15
CA ALA B 124 -7.72 47.25 -18.68
C ALA B 124 -8.28 48.64 -18.36
N ALA B 125 -7.88 49.68 -19.10
CA ALA B 125 -8.45 51.04 -18.89
C ALA B 125 -9.97 51.05 -19.14
N ARG B 126 -10.45 50.46 -20.23
CA ARG B 126 -11.90 50.51 -20.57
C ARG B 126 -12.72 49.77 -19.49
N ASN B 127 -12.16 48.69 -18.90
CA ASN B 127 -12.85 47.86 -17.88
C ASN B 127 -12.56 48.33 -16.44
N GLY B 128 -11.87 49.45 -16.22
CA GLY B 128 -11.62 50.04 -14.88
C GLY B 128 -10.75 49.18 -13.98
N LEU B 129 -9.70 48.56 -14.51
CA LEU B 129 -8.73 47.81 -13.68
C LEU B 129 -8.08 48.83 -12.76
N LEU B 130 -7.83 48.44 -11.52
CA LEU B 130 -7.30 49.37 -10.49
C LEU B 130 -5.87 48.95 -10.11
N THR B 131 -5.06 49.91 -9.74
CA THR B 131 -3.72 49.65 -9.21
C THR B 131 -3.79 49.32 -7.73
N GLU B 132 -2.65 49.03 -7.13
CA GLU B 132 -2.63 48.71 -5.68
C GLU B 132 -3.64 47.58 -5.37
N HIS B 133 -3.77 46.66 -6.30
CA HIS B 133 -4.56 45.44 -6.16
C HIS B 133 -3.65 44.27 -6.47
N ASN B 134 -3.71 43.24 -5.65
CA ASN B 134 -3.05 41.94 -5.94
C ASN B 134 -3.88 41.10 -6.87
N ILE B 135 -3.20 40.53 -7.84
CA ILE B 135 -3.76 39.52 -8.75
C ILE B 135 -3.93 38.20 -7.99
N CYS B 136 -5.16 37.74 -7.78
CA CYS B 136 -5.45 36.48 -7.06
C CYS B 136 -5.65 35.32 -8.05
N GLU B 137 -6.37 35.58 -9.13
CA GLU B 137 -6.65 34.51 -10.09
C GLU B 137 -6.57 35.10 -11.48
N ILE B 138 -6.24 34.24 -12.44
CA ILE B 138 -6.36 34.55 -13.88
C ILE B 138 -7.21 33.46 -14.51
N ASN B 139 -8.30 33.87 -15.18
CA ASN B 139 -9.30 32.91 -15.73
C ASN B 139 -9.63 31.87 -14.66
N GLY B 140 -9.75 32.31 -13.41
CA GLY B 140 -10.19 31.43 -12.32
C GLY B 140 -9.07 30.57 -11.72
N GLN B 141 -7.87 30.60 -12.30
CA GLN B 141 -6.71 29.87 -11.75
C GLN B 141 -6.01 30.74 -10.70
N ASN B 142 -5.89 30.22 -9.49
CA ASN B 142 -5.12 30.83 -8.40
C ASN B 142 -3.65 30.97 -8.86
N VAL B 143 -3.10 32.17 -8.78
CA VAL B 143 -1.68 32.47 -9.11
C VAL B 143 -0.94 33.07 -7.93
N ILE B 144 -1.45 32.87 -6.71
CA ILE B 144 -0.83 33.43 -5.52
C ILE B 144 0.42 32.61 -5.13
N GLY B 145 1.52 33.31 -4.86
CA GLY B 145 2.84 32.74 -4.58
C GLY B 145 3.61 32.43 -5.86
N LEU B 146 3.04 32.57 -7.05
CA LEU B 146 3.81 32.37 -8.29
C LEU B 146 4.70 33.59 -8.53
N LYS B 147 5.74 33.41 -9.33
CA LYS B 147 6.68 34.49 -9.70
C LYS B 147 6.05 35.29 -10.85
N ASP B 148 6.40 36.55 -10.94
CA ASP B 148 5.88 37.46 -11.98
C ASP B 148 6.02 36.77 -13.34
N SER B 149 7.10 36.07 -13.60
CA SER B 149 7.34 35.46 -14.93
C SER B 149 6.30 34.35 -15.14
N GLN B 150 5.94 33.64 -14.09
CA GLN B 150 4.90 32.56 -14.24
C GLN B 150 3.51 33.22 -14.48
N ILE B 151 3.19 34.30 -13.75
CA ILE B 151 1.91 35.06 -14.00
C ILE B 151 1.95 35.57 -15.45
N ALA B 152 3.06 36.13 -15.91
CA ALA B 152 3.22 36.64 -17.30
C ALA B 152 2.91 35.51 -18.30
N ASP B 153 3.52 34.34 -18.13
CA ASP B 153 3.32 33.15 -19.00
C ASP B 153 1.84 32.76 -19.04
N ILE B 154 1.20 32.67 -17.88
CA ILE B 154 -0.24 32.31 -17.80
C ILE B 154 -1.05 33.34 -18.59
N LEU B 155 -0.72 34.65 -18.50
CA LEU B 155 -1.43 35.68 -19.28
C LEU B 155 -1.17 35.41 -20.76
N SER B 156 0.04 35.05 -21.17
CA SER B 156 0.38 34.91 -22.61
C SER B 156 -0.35 33.70 -23.20
N THR B 157 -0.36 32.56 -22.53
CA THR B 157 -0.99 31.31 -23.04
C THR B 157 -2.51 31.40 -22.90
N SER B 158 -3.01 32.40 -22.18
CA SER B 158 -4.46 32.68 -22.09
C SER B 158 -5.02 33.00 -23.47
N GLY B 159 -6.30 32.77 -23.70
CA GLY B 159 -6.95 33.19 -24.96
C GLY B 159 -7.16 34.69 -24.97
N THR B 160 -7.86 35.21 -25.96
CA THR B 160 -8.20 36.65 -26.10
C THR B 160 -8.90 37.12 -24.83
N VAL B 161 -9.79 36.31 -24.31
CA VAL B 161 -10.62 36.74 -23.16
C VAL B 161 -9.86 36.39 -21.91
N VAL B 162 -9.52 37.42 -21.12
CA VAL B 162 -8.77 37.25 -19.85
C VAL B 162 -9.61 37.82 -18.70
N THR B 163 -9.93 36.99 -17.74
CA THR B 163 -10.65 37.41 -16.54
C THR B 163 -9.59 37.50 -15.44
N ILE B 164 -9.60 38.57 -14.66
CA ILE B 164 -8.61 38.69 -13.54
C ILE B 164 -9.42 38.94 -12.27
N THR B 165 -9.04 38.23 -11.23
CA THR B 165 -9.68 38.32 -9.89
C THR B 165 -8.70 39.10 -9.01
N ILE B 166 -9.12 40.25 -8.47
CA ILE B 166 -8.18 41.16 -7.80
C ILE B 166 -8.68 41.40 -6.39
N MET B 167 -7.76 41.78 -5.51
CA MET B 167 -8.05 42.09 -4.09
C MET B 167 -7.23 43.34 -3.71
N PRO B 168 -7.82 44.31 -2.97
CA PRO B 168 -7.06 45.47 -2.50
C PRO B 168 -5.81 44.98 -1.74
N ALA B 169 -4.66 45.56 -2.08
CA ALA B 169 -3.34 45.17 -1.55
C ALA B 169 -3.31 45.09 -0.04
N PHE B 170 -3.89 46.09 0.63
N PHE B 170 -3.82 46.11 0.63
CA PHE B 170 -3.87 46.20 2.12
CA PHE B 170 -3.83 46.15 2.12
C PHE B 170 -4.63 45.01 2.73
C PHE B 170 -4.49 44.86 2.63
N ILE B 171 -5.61 44.46 2.00
CA ILE B 171 -6.35 43.25 2.48
C ILE B 171 -5.53 42.01 2.18
N PHE B 172 -5.01 41.89 0.97
CA PHE B 172 -4.15 40.77 0.57
C PHE B 172 -2.99 40.59 1.57
N GLU B 173 -2.30 41.67 1.87
CA GLU B 173 -1.14 41.66 2.83
C GLU B 173 -1.62 41.23 4.23
N HIS B 174 -2.85 41.55 4.62
CA HIS B 174 -3.43 41.13 5.93
C HIS B 174 -3.69 39.62 5.93
N ILE B 175 -4.30 39.12 4.86
CA ILE B 175 -4.75 37.71 4.77
C ILE B 175 -3.53 36.78 4.76
N ILE B 176 -2.42 37.18 4.14
CA ILE B 176 -1.24 36.28 4.01
C ILE B 176 -0.34 36.34 5.27
N LYS B 177 -0.61 37.22 6.23
CA LYS B 177 0.13 37.21 7.51
C LYS B 177 -0.06 35.87 8.25
N ARG B 178 0.94 35.49 9.06
CA ARG B 178 1.00 34.26 9.90
C ARG B 178 1.08 33.03 9.03
N MET B 179 1.71 33.13 7.86
CA MET B 179 1.91 32.01 6.92
C MET B 179 3.28 32.21 6.31
N ALA B 180 4.18 31.24 6.44
CA ALA B 180 5.55 31.27 5.89
C ALA B 180 5.45 31.44 4.38
N PRO B 181 6.16 32.41 3.77
CA PRO B 181 6.14 32.53 2.31
C PRO B 181 6.46 31.25 1.54
N SER B 182 7.24 30.36 2.14
CA SER B 182 7.70 29.11 1.51
C SER B 182 6.52 28.13 1.46
N ILE B 183 5.68 28.13 2.48
CA ILE B 183 4.39 27.34 2.49
C ILE B 183 3.47 27.84 1.35
N MET B 184 3.23 29.16 1.31
CA MET B 184 2.33 29.81 0.32
C MET B 184 2.84 29.50 -1.08
N LYS B 185 4.14 29.54 -1.30
CA LYS B 185 4.72 29.33 -2.65
C LYS B 185 4.63 27.84 -2.99
N SER B 186 4.82 26.95 -2.05
CA SER B 186 5.01 25.53 -2.42
C SER B 186 3.68 24.77 -2.30
N LEU B 187 2.75 25.17 -1.42
CA LEU B 187 1.50 24.39 -1.16
C LEU B 187 0.26 24.98 -1.87
N MET B 188 0.24 26.27 -2.28
CA MET B 188 -0.98 26.88 -2.88
C MET B 188 -1.47 26.11 -4.11
N ASP B 189 -2.78 25.85 -4.14
CA ASP B 189 -3.50 25.25 -5.28
C ASP B 189 -3.41 26.19 -6.47
N HIS B 190 -3.01 25.69 -7.62
CA HIS B 190 -2.94 26.43 -8.90
C HIS B 190 -3.66 25.61 -9.95
N THR B 191 -4.51 24.67 -9.54
CA THR B 191 -5.44 23.89 -10.41
C THR B 191 -6.17 24.77 -11.44
N ILE B 192 -6.31 24.29 -12.66
CA ILE B 192 -7.18 24.92 -13.66
C ILE B 192 -8.62 24.53 -13.30
N PRO B 193 -9.57 25.49 -13.27
CA PRO B 193 -10.98 25.22 -13.03
C PRO B 193 -11.50 24.15 -14.00
N GLU B 194 -12.23 23.21 -13.44
CA GLU B 194 -12.88 22.06 -14.12
C GLU B 194 -14.39 22.28 -14.19
N VAL B 195 -15.05 21.54 -15.08
CA VAL B 195 -16.53 21.32 -14.99
C VAL B 195 -16.75 19.84 -14.69
N ALA C 3 -7.98 -27.58 11.66
CA ALA C 3 -7.62 -26.23 11.15
C ALA C 3 -7.87 -25.15 12.22
N GLU C 4 -9.07 -25.16 12.85
CA GLU C 4 -9.82 -23.95 13.29
C GLU C 4 -9.64 -23.68 14.79
N ILE C 5 -9.40 -22.39 15.17
CA ILE C 5 -8.94 -21.93 16.51
C ILE C 5 -10.04 -22.27 17.54
N LYS C 6 -9.93 -23.48 18.15
CA LYS C 6 -10.70 -23.97 19.35
C LYS C 6 -10.31 -23.14 20.57
N GLN C 7 -11.14 -22.17 20.95
CA GLN C 7 -10.80 -21.02 21.82
C GLN C 7 -10.90 -21.38 23.33
N GLY C 8 -10.40 -20.49 24.17
CA GLY C 8 -10.14 -20.76 25.58
C GLY C 8 -8.97 -21.74 25.74
N ILE C 9 -8.91 -22.27 26.95
CA ILE C 9 -7.70 -22.86 27.54
C ILE C 9 -7.96 -24.36 27.70
N ARG C 10 -6.92 -25.17 27.61
CA ARG C 10 -7.05 -26.63 27.85
C ARG C 10 -5.78 -27.10 28.56
N GLU C 11 -5.90 -28.14 29.36
CA GLU C 11 -4.75 -28.79 30.01
C GLU C 11 -4.24 -29.87 29.07
N VAL C 12 -2.91 -30.05 28.93
CA VAL C 12 -2.36 -31.26 28.28
C VAL C 12 -1.39 -31.94 29.25
N ILE C 13 -1.26 -33.25 29.12
CA ILE C 13 -0.44 -34.09 30.03
C ILE C 13 0.53 -34.84 29.13
N LEU C 14 1.82 -34.76 29.40
CA LEU C 14 2.89 -35.30 28.51
C LEU C 14 3.80 -36.14 29.36
N CYS C 15 4.48 -37.07 28.69
CA CYS C 15 5.61 -37.83 29.29
C CYS C 15 6.85 -37.58 28.45
N LYS C 16 7.98 -37.35 29.13
CA LYS C 16 9.30 -37.34 28.42
C LYS C 16 9.46 -38.64 27.64
N ASP C 17 10.05 -38.60 26.43
CA ASP C 17 10.23 -39.87 25.68
C ASP C 17 11.45 -40.61 26.27
N GLN C 18 11.80 -41.72 25.63
CA GLN C 18 13.02 -42.53 25.91
C GLN C 18 14.23 -41.61 26.11
N ASP C 19 14.44 -40.57 25.28
CA ASP C 19 15.67 -39.70 25.33
C ASP C 19 15.53 -38.51 26.31
N GLY C 20 14.55 -38.51 27.24
CA GLY C 20 14.22 -37.38 28.12
C GLY C 20 13.64 -36.18 27.36
N LYS C 21 13.06 -36.33 26.16
CA LYS C 21 12.61 -35.17 25.32
C LYS C 21 11.07 -35.12 25.25
N ILE C 22 10.46 -33.93 25.10
CA ILE C 22 9.02 -33.82 24.72
C ILE C 22 8.90 -33.25 23.32
N GLY C 23 9.94 -32.66 22.75
CA GLY C 23 9.95 -32.29 21.32
C GLY C 23 9.37 -30.89 21.08
N LEU C 24 9.79 -29.93 21.89
CA LEU C 24 9.29 -28.53 21.90
C LEU C 24 10.44 -27.54 21.90
N ARG C 25 10.23 -26.41 21.25
CA ARG C 25 11.02 -25.18 21.49
C ARG C 25 10.01 -24.10 21.79
N LEU C 26 10.29 -23.36 22.84
CA LEU C 26 9.41 -22.32 23.39
C LEU C 26 10.11 -20.98 23.23
N LYS C 27 9.34 -19.89 23.10
CA LYS C 27 9.85 -18.52 22.81
C LYS C 27 9.09 -17.52 23.67
N SER C 28 9.83 -16.61 24.31
CA SER C 28 9.29 -15.46 25.08
C SER C 28 8.73 -14.48 24.06
N ILE C 29 7.43 -14.18 24.12
CA ILE C 29 6.79 -13.11 23.29
C ILE C 29 5.88 -12.29 24.20
N ASP C 30 6.10 -10.97 24.33
CA ASP C 30 5.15 -10.05 25.00
C ASP C 30 4.87 -10.56 26.42
N ASN C 31 5.89 -11.05 27.12
CA ASN C 31 5.85 -11.62 28.49
C ASN C 31 4.92 -12.83 28.59
N GLY C 32 4.65 -13.46 27.45
CA GLY C 32 4.13 -14.83 27.49
C GLY C 32 5.15 -15.84 26.94
N ILE C 33 4.77 -17.11 26.93
CA ILE C 33 5.60 -18.16 26.31
C ILE C 33 4.82 -18.85 25.19
N PHE C 34 5.41 -18.93 24.00
CA PHE C 34 4.77 -19.56 22.83
C PHE C 34 5.62 -20.71 22.26
N VAL C 35 4.94 -21.66 21.63
CA VAL C 35 5.57 -22.80 20.93
C VAL C 35 6.14 -22.30 19.61
N GLN C 36 7.48 -22.27 19.44
CA GLN C 36 8.06 -21.90 18.11
C GLN C 36 8.38 -23.16 17.30
N LEU C 37 8.40 -24.32 17.95
CA LEU C 37 8.59 -25.57 17.19
C LEU C 37 8.09 -26.78 17.96
N VAL C 38 7.40 -27.64 17.23
CA VAL C 38 6.91 -28.97 17.66
C VAL C 38 7.60 -29.95 16.72
N GLN C 39 8.32 -30.96 17.23
CA GLN C 39 8.93 -31.97 16.29
C GLN C 39 7.91 -33.06 16.01
N ALA C 40 7.93 -33.59 14.79
CA ALA C 40 7.08 -34.74 14.39
C ALA C 40 7.36 -35.93 15.30
N ASN C 41 6.33 -36.68 15.66
N ASN C 41 6.32 -36.75 15.50
CA ASN C 41 6.45 -38.00 16.34
CA ASN C 41 6.22 -37.92 16.42
C ASN C 41 6.78 -37.80 17.83
C ASN C 41 7.10 -37.68 17.65
N SER C 42 6.84 -36.56 18.33
CA SER C 42 7.33 -36.27 19.72
C SER C 42 6.15 -36.41 20.65
N PRO C 43 6.33 -36.50 21.97
CA PRO C 43 5.19 -36.44 22.88
C PRO C 43 4.33 -35.17 22.71
N ALA C 44 4.98 -34.03 22.40
CA ALA C 44 4.34 -32.72 22.19
C ALA C 44 3.37 -32.83 21.01
N SER C 45 3.82 -33.35 19.87
CA SER C 45 2.97 -33.49 18.66
C SER C 45 1.79 -34.40 19.00
N LEU C 46 2.07 -35.51 19.67
CA LEU C 46 1.08 -36.58 19.84
C LEU C 46 -0.03 -36.05 20.75
N VAL C 47 0.28 -35.23 21.73
CA VAL C 47 -0.76 -34.72 22.68
C VAL C 47 -1.50 -33.54 22.02
N GLY C 48 -1.09 -33.10 20.83
CA GLY C 48 -1.75 -32.06 20.01
C GLY C 48 -1.22 -30.62 20.15
N LEU C 49 -0.04 -30.38 20.75
CA LEU C 49 0.59 -29.03 20.73
C LEU C 49 0.96 -28.61 19.31
N ARG C 50 0.78 -27.31 19.06
CA ARG C 50 0.99 -26.74 17.72
C ARG C 50 1.81 -25.49 17.79
N PHE C 51 2.54 -25.25 16.70
CA PHE C 51 3.23 -23.97 16.52
C PHE C 51 2.24 -22.89 16.92
N GLY C 52 2.70 -21.93 17.72
CA GLY C 52 1.93 -20.72 17.99
C GLY C 52 1.08 -20.87 19.23
N ASP C 53 0.96 -22.07 19.79
CA ASP C 53 0.21 -22.25 21.07
C ASP C 53 0.89 -21.41 22.16
N GLN C 54 0.10 -20.90 23.11
CA GLN C 54 0.60 -20.15 24.25
C GLN C 54 0.57 -21.12 25.42
N VAL C 55 1.66 -21.20 26.16
CA VAL C 55 1.75 -21.96 27.44
C VAL C 55 1.56 -20.98 28.61
N LEU C 56 0.46 -21.11 29.31
CA LEU C 56 0.09 -20.26 30.46
C LEU C 56 0.75 -20.81 31.72
N GLN C 57 0.71 -22.13 31.94
CA GLN C 57 1.25 -22.84 33.15
C GLN C 57 2.07 -24.05 32.69
N ILE C 58 3.19 -24.33 33.35
CA ILE C 58 3.89 -25.65 33.31
C ILE C 58 3.86 -26.21 34.74
N ASN C 59 3.23 -27.37 34.94
CA ASN C 59 3.10 -28.03 36.29
C ASN C 59 2.48 -27.06 37.31
N GLY C 60 1.51 -26.25 36.90
CA GLY C 60 0.71 -25.33 37.75
C GLY C 60 1.43 -24.04 38.10
N GLU C 61 2.56 -23.73 37.49
CA GLU C 61 3.29 -22.45 37.72
C GLU C 61 3.07 -21.58 36.48
N ASN C 62 2.85 -20.29 36.68
CA ASN C 62 2.56 -19.34 35.58
C ASN C 62 3.81 -19.11 34.75
N CYS C 63 3.72 -19.13 33.42
CA CYS C 63 4.87 -18.83 32.51
C CYS C 63 5.07 -17.33 32.31
N ALA C 64 4.15 -16.50 32.81
CA ALA C 64 4.20 -15.04 32.64
C ALA C 64 5.62 -14.53 32.98
N GLY C 65 6.23 -13.83 32.04
CA GLY C 65 7.49 -13.12 32.31
C GLY C 65 8.73 -14.00 32.13
N TRP C 66 8.58 -15.32 31.97
CA TRP C 66 9.72 -16.24 31.79
C TRP C 66 10.44 -15.88 30.49
N SER C 67 11.78 -15.92 30.53
CA SER C 67 12.65 -16.03 29.33
C SER C 67 12.46 -17.38 28.66
N SER C 68 12.74 -17.46 27.37
CA SER C 68 12.82 -18.73 26.62
C SER C 68 13.74 -19.72 27.39
N ASP C 69 14.92 -19.24 27.80
CA ASP C 69 15.93 -19.98 28.60
C ASP C 69 15.29 -20.58 29.84
N LYS C 70 14.55 -19.76 30.58
CA LYS C 70 13.90 -20.24 31.82
C LYS C 70 12.87 -21.32 31.49
N ALA C 71 12.03 -21.12 30.48
CA ALA C 71 10.99 -22.11 30.12
C ALA C 71 11.68 -23.46 29.84
N HIS C 72 12.82 -23.43 29.14
CA HIS C 72 13.56 -24.66 28.72
C HIS C 72 14.16 -25.31 29.97
N LYS C 73 14.72 -24.52 30.87
CA LYS C 73 15.37 -25.03 32.08
C LYS C 73 14.31 -25.74 32.94
N VAL C 74 13.13 -25.15 33.06
CA VAL C 74 12.00 -25.74 33.85
C VAL C 74 11.61 -27.09 33.26
N LEU C 75 11.40 -27.13 31.95
CA LEU C 75 10.99 -28.42 31.33
C LEU C 75 12.13 -29.47 31.45
N LYS C 76 13.37 -29.09 31.20
CA LYS C 76 14.57 -29.96 31.30
C LYS C 76 14.61 -30.59 32.70
N GLN C 77 14.32 -29.79 33.75
CA GLN C 77 14.36 -30.21 35.19
C GLN C 77 13.09 -30.90 35.65
N ALA C 78 12.04 -30.92 34.84
CA ALA C 78 10.76 -31.54 35.25
C ALA C 78 10.90 -33.06 35.21
N PHE C 79 10.65 -33.71 36.35
CA PHE C 79 10.63 -35.20 36.45
C PHE C 79 9.46 -35.64 37.33
N GLY C 80 8.23 -35.41 36.89
CA GLY C 80 7.07 -36.08 37.51
C GLY C 80 7.00 -37.52 37.04
N GLU C 81 5.81 -38.12 37.04
CA GLU C 81 5.42 -39.16 36.07
C GLU C 81 4.94 -38.44 34.80
N LYS C 82 4.52 -37.20 34.97
CA LYS C 82 3.83 -36.45 33.90
C LYS C 82 4.22 -34.98 34.03
N ILE C 83 4.14 -34.28 32.91
CA ILE C 83 4.24 -32.81 32.85
C ILE C 83 2.85 -32.32 32.45
N THR C 84 2.27 -31.39 33.20
CA THR C 84 0.98 -30.73 32.85
C THR C 84 1.30 -29.39 32.24
N MET C 85 0.61 -29.02 31.18
CA MET C 85 0.70 -27.66 30.61
C MET C 85 -0.74 -27.18 30.41
N THR C 86 -0.99 -25.92 30.75
CA THR C 86 -2.21 -25.20 30.34
C THR C 86 -1.89 -24.35 29.10
N ILE C 87 -2.71 -24.48 28.09
CA ILE C 87 -2.48 -23.99 26.71
C ILE C 87 -3.66 -23.09 26.32
N ARG C 88 -3.37 -21.97 25.67
CA ARG C 88 -4.38 -21.20 24.91
C ARG C 88 -4.04 -21.47 23.45
N ASP C 89 -5.05 -21.83 22.71
CA ASP C 89 -4.97 -22.27 21.31
C ASP C 89 -4.52 -21.12 20.42
N ARG C 90 -3.40 -21.30 19.76
CA ARG C 90 -2.81 -20.45 18.70
C ARG C 90 -3.35 -19.02 18.71
N PRO C 91 -3.14 -18.20 19.77
CA PRO C 91 -3.81 -16.92 19.90
C PRO C 91 -3.41 -15.82 18.92
N PHE C 92 -2.25 -15.89 18.28
CA PHE C 92 -1.86 -14.89 17.25
C PHE C 92 -2.41 -15.31 15.90
N GLU C 93 -3.15 -16.44 15.81
CA GLU C 93 -3.51 -16.91 14.47
C GLU C 93 -5.02 -16.88 14.26
N ARG C 94 -5.40 -16.89 12.99
N ARG C 94 -5.43 -16.88 12.99
CA ARG C 94 -6.81 -16.96 12.53
CA ARG C 94 -6.85 -16.98 12.58
C ARG C 94 -6.88 -17.92 11.35
C ARG C 94 -6.93 -17.84 11.32
N THR C 95 -8.04 -18.54 11.13
CA THR C 95 -8.25 -19.41 9.94
C THR C 95 -9.28 -18.74 9.02
N ILE C 96 -9.05 -18.81 7.72
CA ILE C 96 -9.89 -18.26 6.65
C ILE C 96 -10.24 -19.45 5.77
N THR C 97 -11.52 -19.58 5.47
CA THR C 97 -12.04 -20.63 4.56
C THR C 97 -12.38 -20.04 3.21
N MET C 98 -11.78 -20.60 2.18
CA MET C 98 -11.96 -20.16 0.81
C MET C 98 -12.39 -21.34 -0.06
N HIS C 99 -12.91 -21.02 -1.23
CA HIS C 99 -13.38 -21.96 -2.30
C HIS C 99 -12.57 -21.68 -3.58
N LYS C 100 -12.02 -22.70 -4.22
CA LYS C 100 -11.28 -22.45 -5.49
C LYS C 100 -12.26 -22.06 -6.59
N ASP C 101 -11.78 -21.28 -7.55
CA ASP C 101 -12.54 -20.94 -8.79
C ASP C 101 -12.48 -22.18 -9.68
N SER C 102 -13.02 -22.16 -10.90
CA SER C 102 -13.14 -23.39 -11.71
C SER C 102 -11.76 -23.80 -12.25
N THR C 103 -10.81 -22.87 -12.32
CA THR C 103 -9.41 -23.15 -12.75
C THR C 103 -8.58 -23.60 -11.53
N GLY C 104 -9.16 -23.68 -10.32
CA GLY C 104 -8.47 -24.25 -9.14
C GLY C 104 -7.64 -23.24 -8.35
N HIS C 105 -7.87 -21.93 -8.52
CA HIS C 105 -7.18 -20.87 -7.75
C HIS C 105 -8.08 -20.38 -6.60
N VAL C 106 -7.49 -20.14 -5.44
CA VAL C 106 -8.16 -19.51 -4.24
C VAL C 106 -8.11 -17.97 -4.31
N GLY C 107 -7.04 -17.46 -4.94
CA GLY C 107 -6.87 -16.04 -5.35
C GLY C 107 -5.80 -15.30 -4.53
N PHE C 108 -4.62 -15.87 -4.37
CA PHE C 108 -3.55 -15.12 -3.66
C PHE C 108 -2.19 -15.58 -4.16
N ILE C 109 -1.24 -14.64 -4.14
CA ILE C 109 0.20 -14.85 -4.38
C ILE C 109 0.86 -14.87 -3.01
N PHE C 110 1.86 -15.73 -2.84
CA PHE C 110 2.73 -15.66 -1.64
C PHE C 110 4.20 -15.86 -2.03
N LYS C 111 5.10 -15.44 -1.12
CA LYS C 111 6.59 -15.56 -1.23
C LYS C 111 7.12 -15.90 0.15
N ASN C 112 7.93 -16.95 0.28
CA ASN C 112 8.53 -17.37 1.59
C ASN C 112 7.37 -17.57 2.60
N GLY C 113 6.24 -18.09 2.12
CA GLY C 113 5.04 -18.41 2.92
C GLY C 113 4.27 -17.18 3.35
N LYS C 114 4.63 -15.99 2.87
CA LYS C 114 3.96 -14.73 3.27
C LYS C 114 3.04 -14.30 2.12
N ILE C 115 1.77 -14.06 2.41
CA ILE C 115 0.79 -13.64 1.36
C ILE C 115 1.16 -12.22 0.95
N THR C 116 1.26 -11.95 -0.36
CA THR C 116 1.83 -10.66 -0.84
C THR C 116 0.81 -10.00 -1.74
N SER C 117 -0.11 -10.75 -2.33
CA SER C 117 -1.20 -10.07 -3.08
C SER C 117 -2.48 -10.91 -3.08
N ILE C 118 -3.64 -10.21 -3.07
CA ILE C 118 -5.00 -10.82 -3.17
C ILE C 118 -5.53 -10.52 -4.57
N VAL C 119 -6.04 -11.55 -5.26
CA VAL C 119 -6.65 -11.40 -6.60
C VAL C 119 -8.06 -10.81 -6.41
N LYS C 120 -8.34 -9.71 -7.13
CA LYS C 120 -9.69 -9.08 -7.23
C LYS C 120 -10.72 -10.16 -7.59
N ASP C 121 -11.84 -10.17 -6.87
CA ASP C 121 -13.06 -10.98 -7.21
C ASP C 121 -12.75 -12.47 -7.03
N SER C 122 -11.81 -12.79 -6.14
CA SER C 122 -11.47 -14.19 -5.74
C SER C 122 -12.18 -14.52 -4.43
N SER C 123 -12.22 -15.81 -4.07
CA SER C 123 -12.76 -16.24 -2.77
C SER C 123 -11.90 -15.65 -1.64
N ALA C 124 -10.60 -15.57 -1.86
CA ALA C 124 -9.66 -14.92 -0.93
C ALA C 124 -10.13 -13.46 -0.66
N ALA C 125 -10.44 -12.72 -1.73
CA ALA C 125 -10.92 -11.31 -1.63
C ALA C 125 -12.24 -11.31 -0.84
N ARG C 126 -13.23 -12.14 -1.21
CA ARG C 126 -14.58 -12.16 -0.58
C ARG C 126 -14.47 -12.54 0.89
N ASN C 127 -13.50 -13.40 1.25
CA ASN C 127 -13.29 -13.81 2.67
C ASN C 127 -12.25 -12.91 3.35
N GLY C 128 -11.73 -11.87 2.70
CA GLY C 128 -10.89 -10.87 3.36
C GLY C 128 -9.59 -11.47 3.88
N LEU C 129 -8.97 -12.33 3.08
CA LEU C 129 -7.59 -12.77 3.35
C LEU C 129 -6.74 -11.50 3.29
N LEU C 130 -5.72 -11.38 4.11
CA LEU C 130 -4.81 -10.20 4.23
C LEU C 130 -3.43 -10.54 3.70
N THR C 131 -2.73 -9.49 3.21
CA THR C 131 -1.32 -9.59 2.85
C THR C 131 -0.51 -9.36 4.10
N GLU C 132 0.80 -9.51 3.97
CA GLU C 132 1.70 -9.35 5.12
C GLU C 132 1.27 -10.34 6.23
N HIS C 133 0.81 -11.52 5.85
CA HIS C 133 0.47 -12.58 6.81
C HIS C 133 1.18 -13.87 6.39
N ASN C 134 1.79 -14.57 7.34
CA ASN C 134 2.43 -15.89 7.09
C ASN C 134 1.39 -17.01 7.18
N ILE C 135 1.47 -17.93 6.24
CA ILE C 135 0.66 -19.16 6.18
C ILE C 135 1.32 -20.12 7.17
N CYS C 136 0.62 -20.43 8.25
CA CYS C 136 1.05 -21.37 9.30
C CYS C 136 0.51 -22.79 8.99
N GLU C 137 -0.69 -22.91 8.43
CA GLU C 137 -1.28 -24.23 8.22
C GLU C 137 -2.21 -24.16 7.02
N ILE C 138 -2.34 -25.27 6.30
CA ILE C 138 -3.36 -25.49 5.27
C ILE C 138 -4.17 -26.70 5.70
N ASN C 139 -5.48 -26.54 5.82
CA ASN C 139 -6.43 -27.58 6.26
C ASN C 139 -5.84 -28.28 7.46
N GLY C 140 -5.29 -27.54 8.41
CA GLY C 140 -4.87 -28.06 9.73
C GLY C 140 -3.45 -28.63 9.75
N GLN C 141 -2.80 -28.71 8.61
CA GLN C 141 -1.41 -29.18 8.48
C GLN C 141 -0.42 -27.99 8.52
N ASN C 142 0.53 -28.05 9.44
CA ASN C 142 1.60 -27.05 9.62
C ASN C 142 2.43 -27.10 8.32
N VAL C 143 2.69 -25.96 7.71
CA VAL C 143 3.54 -25.93 6.49
C VAL C 143 4.76 -25.02 6.73
N ILE C 144 5.10 -24.78 7.97
CA ILE C 144 6.19 -23.81 8.32
C ILE C 144 7.56 -24.44 8.04
N GLY C 145 8.37 -23.76 7.22
CA GLY C 145 9.68 -24.24 6.77
C GLY C 145 9.58 -25.06 5.49
N LEU C 146 8.39 -25.33 4.94
CA LEU C 146 8.28 -25.90 3.57
C LEU C 146 8.61 -24.84 2.49
N LYS C 147 9.05 -25.29 1.33
CA LYS C 147 9.35 -24.37 0.21
C LYS C 147 8.05 -23.83 -0.34
N ASP C 148 8.11 -22.70 -1.04
CA ASP C 148 6.89 -22.18 -1.71
C ASP C 148 6.30 -23.26 -2.62
N SER C 149 7.09 -24.01 -3.40
CA SER C 149 6.57 -25.04 -4.35
C SER C 149 5.89 -26.19 -3.57
N GLN C 150 6.35 -26.54 -2.37
CA GLN C 150 5.64 -27.54 -1.56
C GLN C 150 4.31 -26.97 -1.01
N ILE C 151 4.31 -25.71 -0.58
CA ILE C 151 3.06 -25.08 -0.06
C ILE C 151 2.10 -25.03 -1.26
N ALA C 152 2.56 -24.58 -2.43
CA ALA C 152 1.73 -24.52 -3.65
C ALA C 152 1.18 -25.90 -3.99
N ASP C 153 1.96 -26.97 -3.86
CA ASP C 153 1.53 -28.33 -4.26
C ASP C 153 0.43 -28.80 -3.30
N ILE C 154 0.55 -28.51 -2.00
CA ILE C 154 -0.47 -28.85 -0.94
C ILE C 154 -1.76 -28.09 -1.24
N LEU C 155 -1.66 -26.80 -1.60
CA LEU C 155 -2.87 -26.05 -2.01
C LEU C 155 -3.54 -26.78 -3.18
N SER C 156 -2.76 -27.15 -4.21
CA SER C 156 -3.30 -27.75 -5.46
C SER C 156 -4.08 -29.02 -5.14
N THR C 157 -3.57 -29.83 -4.24
CA THR C 157 -4.17 -31.16 -3.92
C THR C 157 -5.08 -31.05 -2.68
N SER C 158 -5.47 -29.85 -2.25
CA SER C 158 -6.62 -29.77 -1.32
C SER C 158 -7.86 -29.95 -2.19
N GLY C 159 -8.99 -30.17 -1.57
CA GLY C 159 -10.20 -30.09 -2.38
C GLY C 159 -10.48 -28.63 -2.77
N THR C 160 -11.71 -28.38 -3.17
CA THR C 160 -12.14 -27.04 -3.63
C THR C 160 -12.24 -26.09 -2.40
N VAL C 161 -12.51 -26.63 -1.22
CA VAL C 161 -12.64 -25.88 0.07
C VAL C 161 -11.29 -25.97 0.79
N VAL C 162 -10.63 -24.84 0.98
CA VAL C 162 -9.27 -24.68 1.53
C VAL C 162 -9.35 -23.77 2.75
N THR C 163 -8.87 -24.24 3.87
CA THR C 163 -8.77 -23.48 5.12
C THR C 163 -7.31 -23.13 5.32
N ILE C 164 -6.99 -21.85 5.44
CA ILE C 164 -5.59 -21.38 5.68
C ILE C 164 -5.54 -20.78 7.09
N THR C 165 -4.54 -21.13 7.88
CA THR C 165 -4.35 -20.52 9.22
C THR C 165 -3.21 -19.54 9.06
N ILE C 166 -3.46 -18.28 9.35
CA ILE C 166 -2.48 -17.22 9.07
C ILE C 166 -2.12 -16.48 10.35
N MET C 167 -0.99 -15.79 10.31
CA MET C 167 -0.43 -15.04 11.43
C MET C 167 0.18 -13.78 10.86
N PRO C 168 -0.04 -12.62 11.50
CA PRO C 168 0.58 -11.37 11.01
C PRO C 168 2.11 -11.60 10.92
N ALA C 169 2.69 -11.19 9.79
CA ALA C 169 4.10 -11.42 9.46
C ALA C 169 5.04 -10.96 10.58
N PHE C 170 4.76 -9.81 11.19
N PHE C 170 4.81 -9.78 11.16
CA PHE C 170 5.66 -9.17 12.19
CA PHE C 170 5.72 -9.22 12.20
C PHE C 170 5.67 -10.05 13.46
C PHE C 170 5.74 -10.18 13.39
N ILE C 171 4.59 -10.77 13.73
CA ILE C 171 4.52 -11.69 14.92
C ILE C 171 5.27 -12.99 14.60
N PHE C 172 5.03 -13.51 13.41
CA PHE C 172 5.63 -14.76 12.91
C PHE C 172 7.18 -14.65 12.95
N GLU C 173 7.68 -13.59 12.36
CA GLU C 173 9.13 -13.26 12.35
C GLU C 173 9.66 -13.17 13.78
N HIS C 174 8.88 -12.67 14.72
CA HIS C 174 9.32 -12.61 16.13
C HIS C 174 9.34 -14.03 16.73
N ILE C 175 8.32 -14.86 16.48
CA ILE C 175 8.23 -16.19 17.10
C ILE C 175 9.39 -17.07 16.60
N ILE C 176 9.85 -16.90 15.37
CA ILE C 176 10.88 -17.82 14.80
C ILE C 176 12.31 -17.31 15.04
N LYS C 177 12.48 -16.16 15.69
CA LYS C 177 13.80 -15.72 16.23
C LYS C 177 14.31 -16.77 17.21
N ARG C 178 15.65 -16.88 17.32
CA ARG C 178 16.33 -17.82 18.26
C ARG C 178 16.18 -19.23 17.72
N MET C 179 15.92 -19.36 16.43
CA MET C 179 15.90 -20.64 15.71
C MET C 179 16.56 -20.42 14.34
N ALA C 180 17.47 -21.31 13.93
CA ALA C 180 18.11 -21.32 12.59
C ALA C 180 17.08 -21.81 11.59
N PRO C 181 16.96 -21.16 10.40
CA PRO C 181 16.08 -21.67 9.34
C PRO C 181 16.25 -23.15 9.02
N SER C 182 17.50 -23.63 8.95
CA SER C 182 17.85 -25.05 8.68
C SER C 182 17.20 -26.00 9.69
N ILE C 183 17.15 -25.63 10.97
CA ILE C 183 16.59 -26.46 12.09
C ILE C 183 15.06 -26.51 11.98
N MET C 184 14.49 -25.33 11.75
CA MET C 184 13.02 -25.18 11.58
C MET C 184 12.57 -26.07 10.43
N LYS C 185 13.29 -26.04 9.31
CA LYS C 185 12.96 -26.85 8.10
C LYS C 185 13.15 -28.34 8.41
N SER C 186 14.19 -28.76 9.13
CA SER C 186 14.44 -30.22 9.34
C SER C 186 13.44 -30.81 10.34
N LEU C 187 13.12 -30.09 11.41
CA LEU C 187 12.46 -30.63 12.64
C LEU C 187 10.97 -30.27 12.73
N MET C 188 10.48 -29.26 12.01
CA MET C 188 9.08 -28.80 12.24
C MET C 188 8.08 -29.90 11.86
N ASP C 189 7.23 -30.29 12.79
CA ASP C 189 6.08 -31.20 12.56
C ASP C 189 5.26 -30.76 11.32
N HIS C 190 5.07 -31.66 10.34
CA HIS C 190 4.16 -31.44 9.20
C HIS C 190 3.21 -32.65 9.13
N THR C 191 3.03 -33.30 10.28
CA THR C 191 2.21 -34.53 10.46
C THR C 191 0.81 -34.19 9.98
N ILE C 192 0.09 -35.18 9.43
CA ILE C 192 -1.39 -35.15 9.32
C ILE C 192 -1.86 -36.18 10.33
N PRO C 193 -2.37 -35.75 11.50
CA PRO C 193 -2.54 -36.65 12.65
C PRO C 193 -3.68 -37.66 12.42
N GLU C 194 -4.78 -37.16 11.83
CA GLU C 194 -6.07 -37.88 11.62
C GLU C 194 -6.60 -37.48 10.24
N VAL C 195 -7.26 -38.39 9.54
CA VAL C 195 -7.86 -38.09 8.22
C VAL C 195 -9.34 -38.45 8.34
N ILE D 5 15.58 -18.60 -33.06
CA ILE D 5 16.66 -18.11 -33.99
C ILE D 5 16.54 -18.89 -35.31
N LYS D 6 16.27 -18.19 -36.42
CA LYS D 6 16.14 -18.74 -37.79
C LYS D 6 17.52 -19.09 -38.36
N GLN D 7 17.85 -20.38 -38.45
CA GLN D 7 19.05 -20.88 -39.17
C GLN D 7 18.96 -20.43 -40.64
N GLY D 8 19.49 -19.24 -40.94
CA GLY D 8 19.69 -18.78 -42.32
C GLY D 8 19.67 -17.27 -42.45
N ILE D 9 19.75 -16.84 -43.71
CA ILE D 9 19.95 -15.46 -44.19
C ILE D 9 18.65 -14.97 -44.84
N ARG D 10 18.19 -13.77 -44.50
CA ARG D 10 17.01 -13.12 -45.15
C ARG D 10 17.41 -11.73 -45.66
N GLU D 11 16.71 -11.25 -46.69
CA GLU D 11 16.79 -9.86 -47.16
C GLU D 11 15.75 -9.10 -46.37
N VAL D 12 16.06 -7.88 -45.97
CA VAL D 12 15.04 -6.96 -45.43
C VAL D 12 15.16 -5.73 -46.31
N ILE D 13 14.03 -5.15 -46.70
CA ILE D 13 14.02 -3.94 -47.55
C ILE D 13 13.30 -2.88 -46.73
N LEU D 14 13.87 -1.68 -46.63
CA LEU D 14 13.24 -0.61 -45.84
C LEU D 14 13.55 0.76 -46.45
N CYS D 15 12.85 1.77 -45.94
CA CYS D 15 12.91 3.14 -46.47
C CYS D 15 13.20 4.02 -45.27
N LYS D 16 14.01 5.04 -45.48
CA LYS D 16 14.34 6.05 -44.47
C LYS D 16 13.06 6.74 -44.06
N ASP D 17 12.96 7.16 -42.82
CA ASP D 17 11.76 7.97 -42.47
C ASP D 17 11.99 9.43 -42.89
N GLN D 18 11.12 10.30 -42.41
CA GLN D 18 11.16 11.76 -42.78
C GLN D 18 12.50 12.39 -42.34
N ASP D 19 13.14 11.88 -41.28
CA ASP D 19 14.43 12.50 -40.82
C ASP D 19 15.62 11.90 -41.56
N GLY D 20 15.40 11.07 -42.59
CA GLY D 20 16.47 10.33 -43.25
C GLY D 20 17.07 9.27 -42.34
N LYS D 21 16.28 8.72 -41.41
CA LYS D 21 16.74 7.74 -40.41
C LYS D 21 16.08 6.38 -40.67
N ILE D 22 16.80 5.31 -40.39
CA ILE D 22 16.17 3.96 -40.40
C ILE D 22 16.04 3.43 -38.98
N GLY D 23 16.82 3.91 -38.01
CA GLY D 23 16.61 3.52 -36.60
C GLY D 23 17.60 2.41 -36.17
N LEU D 24 18.88 2.51 -36.55
CA LEU D 24 19.88 1.50 -36.17
C LEU D 24 21.11 2.13 -35.54
N ARG D 25 21.77 1.36 -34.66
CA ARG D 25 23.18 1.51 -34.32
C ARG D 25 23.85 0.17 -34.58
N LEU D 26 24.98 0.22 -35.25
CA LEU D 26 25.77 -0.93 -35.72
C LEU D 26 27.12 -0.99 -35.02
N LYS D 27 27.66 -2.21 -34.90
CA LYS D 27 28.95 -2.38 -34.18
C LYS D 27 29.76 -3.42 -34.95
N SER D 28 31.03 -3.11 -35.19
CA SER D 28 32.08 -4.01 -35.67
C SER D 28 32.41 -5.00 -34.56
N ILE D 29 32.20 -6.29 -34.82
CA ILE D 29 32.65 -7.41 -33.94
C ILE D 29 33.27 -8.51 -34.81
N ASP D 30 34.53 -8.87 -34.52
CA ASP D 30 35.19 -10.03 -35.16
C ASP D 30 35.06 -9.88 -36.70
N ASN D 31 35.16 -8.66 -37.25
CA ASN D 31 35.16 -8.35 -38.71
C ASN D 31 33.79 -8.61 -39.34
N GLY D 32 32.77 -8.67 -38.49
CA GLY D 32 31.36 -8.58 -38.84
C GLY D 32 30.75 -7.28 -38.41
N ILE D 33 29.54 -7.03 -38.93
CA ILE D 33 28.72 -5.89 -38.46
C ILE D 33 27.43 -6.43 -37.82
N PHE D 34 27.20 -6.01 -36.59
CA PHE D 34 26.05 -6.47 -35.79
C PHE D 34 25.24 -5.25 -35.37
N VAL D 35 23.98 -5.51 -35.10
CA VAL D 35 23.02 -4.49 -34.64
C VAL D 35 23.22 -4.37 -33.15
N GLN D 36 23.62 -3.19 -32.74
CA GLN D 36 23.73 -2.80 -31.30
C GLN D 36 22.45 -2.18 -30.76
N LEU D 37 21.65 -1.64 -31.65
CA LEU D 37 20.36 -1.02 -31.25
C LEU D 37 19.43 -0.95 -32.44
N VAL D 38 18.19 -1.28 -32.16
CA VAL D 38 17.00 -1.03 -33.01
C VAL D 38 16.15 -0.01 -32.26
N GLN D 39 15.88 1.11 -32.91
CA GLN D 39 15.02 2.19 -32.33
C GLN D 39 13.54 1.78 -32.35
N ALA D 40 12.88 1.90 -31.19
CA ALA D 40 11.42 1.80 -31.01
C ALA D 40 10.72 2.67 -32.07
N ASN D 41 9.79 2.09 -32.79
CA ASN D 41 8.90 2.80 -33.73
C ASN D 41 9.70 3.32 -34.94
N SER D 42 10.76 2.63 -35.35
CA SER D 42 11.59 3.08 -36.49
C SER D 42 11.31 2.21 -37.69
N PRO D 43 11.79 2.62 -38.88
CA PRO D 43 11.70 1.68 -40.01
C PRO D 43 12.29 0.30 -39.68
N ALA D 44 13.47 0.27 -39.08
CA ALA D 44 14.15 -0.99 -38.74
C ALA D 44 13.24 -1.83 -37.82
N SER D 45 12.67 -1.26 -36.75
CA SER D 45 11.78 -2.03 -35.84
C SER D 45 10.57 -2.57 -36.63
N LEU D 46 10.05 -1.78 -37.58
CA LEU D 46 8.80 -2.14 -38.32
C LEU D 46 9.12 -3.30 -39.26
N VAL D 47 10.32 -3.39 -39.83
CA VAL D 47 10.62 -4.52 -40.76
C VAL D 47 11.20 -5.71 -39.98
N GLY D 48 11.32 -5.63 -38.65
CA GLY D 48 11.71 -6.81 -37.84
C GLY D 48 13.23 -7.03 -37.66
N LEU D 49 14.09 -6.04 -37.84
CA LEU D 49 15.50 -6.15 -37.36
C LEU D 49 15.49 -6.25 -35.83
N ARG D 50 16.50 -6.92 -35.31
CA ARG D 50 16.71 -7.13 -33.87
C ARG D 50 18.15 -6.92 -33.45
N PHE D 51 18.25 -6.50 -32.20
CA PHE D 51 19.50 -6.49 -31.46
C PHE D 51 20.24 -7.81 -31.75
N GLY D 52 21.53 -7.75 -32.09
CA GLY D 52 22.34 -8.96 -32.26
C GLY D 52 22.31 -9.51 -33.68
N ASP D 53 21.41 -9.03 -34.52
CA ASP D 53 21.41 -9.47 -35.92
C ASP D 53 22.75 -9.07 -36.53
N GLN D 54 23.15 -9.83 -37.54
CA GLN D 54 24.39 -9.62 -38.32
C GLN D 54 24.01 -9.12 -39.70
N VAL D 55 24.62 -8.00 -40.07
CA VAL D 55 24.43 -7.38 -41.40
C VAL D 55 25.53 -7.92 -42.31
N LEU D 56 25.14 -8.78 -43.24
CA LEU D 56 26.07 -9.40 -44.24
C LEU D 56 26.32 -8.45 -45.39
N GLN D 57 25.26 -7.88 -45.91
CA GLN D 57 25.34 -6.95 -47.07
C GLN D 57 24.44 -5.75 -46.78
N ILE D 58 24.83 -4.60 -47.27
CA ILE D 58 23.94 -3.42 -47.43
C ILE D 58 23.96 -3.05 -48.92
N ASN D 59 22.77 -2.97 -49.52
CA ASN D 59 22.58 -2.71 -50.96
C ASN D 59 23.53 -3.59 -51.79
N GLY D 60 23.69 -4.85 -51.37
CA GLY D 60 24.45 -5.86 -52.11
C GLY D 60 25.94 -5.77 -51.90
N GLU D 61 26.46 -4.85 -51.07
CA GLU D 61 27.90 -4.75 -50.76
C GLU D 61 28.19 -5.42 -49.41
N ASN D 62 29.26 -6.19 -49.35
CA ASN D 62 29.65 -7.01 -48.17
C ASN D 62 30.10 -6.04 -47.06
N CYS D 63 29.63 -6.24 -45.84
CA CYS D 63 30.02 -5.46 -44.64
C CYS D 63 31.32 -6.00 -44.03
N ALA D 64 31.78 -7.17 -44.48
CA ALA D 64 32.96 -7.88 -43.91
C ALA D 64 34.12 -6.92 -43.77
N GLY D 65 34.62 -6.82 -42.53
CA GLY D 65 35.76 -5.98 -42.14
C GLY D 65 35.46 -4.50 -42.03
N TRP D 66 34.20 -4.05 -42.20
CA TRP D 66 33.90 -2.61 -42.08
C TRP D 66 34.00 -2.17 -40.61
N SER D 67 34.51 -0.95 -40.37
CA SER D 67 34.41 -0.24 -39.06
C SER D 67 32.92 0.06 -38.85
N SER D 68 32.50 0.28 -37.63
CA SER D 68 31.17 0.81 -37.25
C SER D 68 30.90 2.08 -38.05
N ASP D 69 31.92 2.98 -38.03
CA ASP D 69 31.90 4.31 -38.70
C ASP D 69 31.62 4.08 -40.18
N LYS D 70 32.33 3.16 -40.84
CA LYS D 70 32.04 2.92 -42.28
C LYS D 70 30.59 2.42 -42.46
N ALA D 71 30.13 1.50 -41.63
CA ALA D 71 28.79 0.90 -41.92
C ALA D 71 27.74 2.02 -41.79
N HIS D 72 27.84 2.81 -40.72
CA HIS D 72 27.00 4.00 -40.48
C HIS D 72 27.05 4.92 -41.69
N LYS D 73 28.25 5.25 -42.12
CA LYS D 73 28.43 6.16 -43.26
C LYS D 73 27.64 5.62 -44.45
N VAL D 74 27.78 4.32 -44.75
CA VAL D 74 27.20 3.73 -45.98
C VAL D 74 25.69 3.95 -45.86
N LEU D 75 25.14 3.82 -44.65
CA LEU D 75 23.66 3.82 -44.49
C LEU D 75 23.21 5.30 -44.60
N LYS D 76 24.02 6.21 -44.09
CA LYS D 76 23.64 7.65 -44.16
C LYS D 76 23.66 8.08 -45.61
N GLN D 77 24.69 7.69 -46.37
CA GLN D 77 24.83 8.09 -47.79
C GLN D 77 23.88 7.35 -48.73
N ALA D 78 23.21 6.27 -48.32
CA ALA D 78 22.32 5.49 -49.22
C ALA D 78 21.05 6.28 -49.53
N PHE D 79 20.67 6.31 -50.80
CA PHE D 79 19.32 6.81 -51.20
C PHE D 79 18.30 6.15 -50.28
N GLY D 80 17.36 6.96 -49.80
CA GLY D 80 16.40 6.62 -48.73
C GLY D 80 15.26 5.71 -49.18
N GLU D 81 14.87 5.77 -50.48
CA GLU D 81 13.60 5.18 -51.05
C GLU D 81 13.57 3.64 -50.89
N LYS D 82 14.64 2.90 -51.25
CA LYS D 82 14.82 1.43 -50.98
C LYS D 82 16.25 1.13 -50.48
N ILE D 83 16.38 0.52 -49.31
CA ILE D 83 17.68 0.01 -48.80
C ILE D 83 17.47 -1.49 -48.57
N THR D 84 18.33 -2.30 -49.12
CA THR D 84 18.29 -3.75 -48.89
C THR D 84 19.38 -4.09 -47.90
N MET D 85 19.08 -5.01 -47.00
CA MET D 85 20.04 -5.53 -46.03
C MET D 85 19.85 -7.05 -46.04
N THR D 86 20.96 -7.78 -46.15
CA THR D 86 21.05 -9.25 -46.01
C THR D 86 21.48 -9.48 -44.56
N ILE D 87 20.67 -10.17 -43.82
CA ILE D 87 20.70 -10.34 -42.34
C ILE D 87 20.91 -11.83 -42.05
N ARG D 88 21.86 -12.14 -41.15
CA ARG D 88 21.89 -13.41 -40.44
C ARG D 88 21.24 -13.18 -39.07
N ASP D 89 20.39 -14.09 -38.67
CA ASP D 89 19.55 -13.95 -37.46
C ASP D 89 20.38 -14.21 -36.20
N ARG D 90 20.47 -13.17 -35.38
CA ARG D 90 21.04 -13.15 -34.01
C ARG D 90 22.07 -14.27 -33.76
N PRO D 91 23.20 -14.28 -34.48
CA PRO D 91 24.10 -15.42 -34.43
C PRO D 91 24.86 -15.69 -33.14
N PHE D 92 24.98 -14.72 -32.25
CA PHE D 92 25.69 -14.92 -30.98
C PHE D 92 24.70 -15.38 -29.92
N GLU D 93 23.42 -15.51 -30.27
CA GLU D 93 22.39 -15.82 -29.26
C GLU D 93 21.77 -17.22 -29.48
N ARG D 94 21.08 -17.71 -28.47
CA ARG D 94 20.33 -18.99 -28.53
C ARG D 94 19.10 -18.82 -27.64
N THR D 95 18.07 -19.65 -27.88
CA THR D 95 16.87 -19.58 -27.00
C THR D 95 16.79 -20.87 -26.22
N ILE D 96 16.42 -20.75 -24.98
CA ILE D 96 16.18 -21.86 -24.04
C ILE D 96 14.69 -21.74 -23.66
N THR D 97 13.92 -22.83 -23.81
CA THR D 97 12.49 -22.93 -23.44
C THR D 97 12.40 -23.63 -22.09
N MET D 98 11.71 -23.01 -21.14
CA MET D 98 11.46 -23.53 -19.80
C MET D 98 9.95 -23.48 -19.50
N HIS D 99 9.55 -24.12 -18.41
CA HIS D 99 8.17 -24.26 -17.89
C HIS D 99 8.18 -23.76 -16.46
N LYS D 100 7.29 -22.82 -16.14
CA LYS D 100 7.18 -22.31 -14.76
C LYS D 100 6.73 -23.42 -13.83
N ASP D 101 7.27 -23.43 -12.64
CA ASP D 101 6.89 -24.37 -11.57
C ASP D 101 5.56 -23.84 -10.97
N SER D 102 5.13 -24.44 -9.86
CA SER D 102 3.82 -24.17 -9.21
C SER D 102 3.81 -22.76 -8.57
N THR D 103 4.97 -22.13 -8.41
CA THR D 103 5.12 -20.77 -7.84
C THR D 103 5.33 -19.72 -8.94
N GLY D 104 5.32 -20.10 -10.23
CA GLY D 104 5.53 -19.17 -11.37
C GLY D 104 7.00 -18.94 -11.68
N HIS D 105 7.93 -19.77 -11.18
CA HIS D 105 9.42 -19.63 -11.35
C HIS D 105 9.99 -20.71 -12.25
N VAL D 106 11.06 -20.36 -12.95
CA VAL D 106 11.75 -21.31 -13.85
C VAL D 106 13.10 -21.73 -13.26
N GLY D 107 13.62 -21.11 -12.18
CA GLY D 107 14.83 -21.58 -11.48
C GLY D 107 16.12 -20.93 -11.88
N PHE D 108 16.20 -19.60 -11.84
CA PHE D 108 17.49 -18.90 -11.91
C PHE D 108 17.44 -17.56 -11.22
N ILE D 109 18.64 -17.06 -10.94
CA ILE D 109 18.94 -15.75 -10.34
C ILE D 109 19.65 -14.94 -11.43
N PHE D 110 19.28 -13.67 -11.59
CA PHE D 110 20.05 -12.79 -12.46
C PHE D 110 20.27 -11.45 -11.77
N LYS D 111 21.29 -10.75 -12.25
CA LYS D 111 21.60 -9.37 -11.82
C LYS D 111 22.15 -8.60 -13.01
N ASN D 112 21.66 -7.39 -13.22
CA ASN D 112 22.10 -6.53 -14.34
C ASN D 112 21.82 -7.30 -15.63
N GLY D 113 20.74 -8.06 -15.66
CA GLY D 113 20.33 -8.88 -16.82
C GLY D 113 21.19 -10.14 -17.05
N LYS D 114 22.21 -10.37 -16.23
CA LYS D 114 23.19 -11.49 -16.40
C LYS D 114 22.80 -12.61 -15.45
N ILE D 115 22.61 -13.83 -15.98
CA ILE D 115 22.25 -15.04 -15.17
C ILE D 115 23.45 -15.41 -14.32
N THR D 116 23.27 -15.54 -13.01
CA THR D 116 24.38 -15.72 -12.07
C THR D 116 24.27 -17.07 -11.37
N SER D 117 23.09 -17.64 -11.17
CA SER D 117 22.97 -19.02 -10.60
C SER D 117 21.74 -19.71 -11.15
N ILE D 118 21.76 -21.04 -11.11
CA ILE D 118 20.72 -21.95 -11.63
C ILE D 118 20.23 -22.74 -10.44
N VAL D 119 18.91 -22.84 -10.26
CA VAL D 119 18.31 -23.54 -9.10
C VAL D 119 18.37 -25.06 -9.37
N LYS D 120 18.82 -25.80 -8.36
CA LYS D 120 18.82 -27.29 -8.36
C LYS D 120 17.43 -27.81 -8.76
N ASP D 121 17.38 -28.70 -9.74
CA ASP D 121 16.16 -29.48 -10.10
C ASP D 121 15.04 -28.52 -10.56
N SER D 122 15.42 -27.37 -11.11
CA SER D 122 14.47 -26.43 -11.75
C SER D 122 14.35 -26.76 -13.26
N SER D 123 13.40 -26.10 -13.89
CA SER D 123 13.22 -26.16 -15.34
C SER D 123 14.49 -25.57 -16.00
N ALA D 124 15.05 -24.51 -15.42
CA ALA D 124 16.31 -23.88 -15.94
C ALA D 124 17.42 -24.96 -15.90
N ALA D 125 17.48 -25.73 -14.82
CA ALA D 125 18.49 -26.83 -14.71
C ALA D 125 18.27 -27.87 -15.83
N ARG D 126 17.05 -28.37 -15.95
CA ARG D 126 16.71 -29.46 -16.89
C ARG D 126 17.02 -29.01 -18.31
N ASN D 127 16.84 -27.72 -18.58
CA ASN D 127 16.97 -27.22 -19.97
C ASN D 127 18.39 -26.68 -20.18
N GLY D 128 19.26 -26.79 -19.19
CA GLY D 128 20.69 -26.40 -19.33
C GLY D 128 20.91 -24.90 -19.59
N LEU D 129 20.20 -24.06 -18.86
CA LEU D 129 20.49 -22.58 -18.88
C LEU D 129 21.88 -22.43 -18.25
N LEU D 130 22.61 -21.44 -18.71
CA LEU D 130 24.01 -21.19 -18.32
C LEU D 130 24.11 -19.89 -17.55
N THR D 131 25.12 -19.79 -16.69
CA THR D 131 25.48 -18.51 -16.06
C THR D 131 26.41 -17.76 -16.98
N GLU D 132 26.79 -16.58 -16.51
CA GLU D 132 27.60 -15.63 -17.28
C GLU D 132 26.98 -15.40 -18.67
N HIS D 133 25.66 -15.41 -18.74
CA HIS D 133 24.92 -15.16 -20.01
C HIS D 133 23.93 -14.01 -19.78
N ASN D 134 23.88 -13.05 -20.69
CA ASN D 134 22.92 -11.92 -20.64
C ASN D 134 21.61 -12.30 -21.29
N ILE D 135 20.53 -11.90 -20.63
CA ILE D 135 19.15 -12.02 -21.15
C ILE D 135 18.96 -10.93 -22.19
N CYS D 136 18.75 -11.37 -23.44
CA CYS D 136 18.53 -10.48 -24.58
C CYS D 136 17.01 -10.35 -24.80
N GLU D 137 16.25 -11.45 -24.69
CA GLU D 137 14.83 -11.46 -25.06
C GLU D 137 14.11 -12.40 -24.13
N ILE D 138 12.85 -12.12 -23.92
CA ILE D 138 11.89 -13.03 -23.20
C ILE D 138 10.68 -13.21 -24.10
N ASN D 139 10.40 -14.44 -24.53
CA ASN D 139 9.36 -14.71 -25.57
C ASN D 139 9.50 -13.77 -26.76
N GLY D 140 10.72 -13.53 -27.27
CA GLY D 140 10.88 -12.74 -28.50
C GLY D 140 10.89 -11.23 -28.22
N GLN D 141 10.65 -10.80 -26.97
CA GLN D 141 10.73 -9.38 -26.58
C GLN D 141 12.12 -9.02 -26.06
N ASN D 142 12.70 -8.01 -26.72
CA ASN D 142 13.95 -7.30 -26.37
C ASN D 142 13.76 -6.68 -24.99
N VAL D 143 14.60 -7.08 -24.01
CA VAL D 143 14.62 -6.57 -22.60
C VAL D 143 15.98 -5.88 -22.34
N ILE D 144 16.71 -5.53 -23.39
CA ILE D 144 18.06 -4.93 -23.19
C ILE D 144 17.95 -3.49 -22.73
N GLY D 145 18.65 -3.15 -21.65
CA GLY D 145 18.58 -1.83 -21.02
C GLY D 145 17.43 -1.70 -20.01
N LEU D 146 16.52 -2.68 -19.87
CA LEU D 146 15.51 -2.58 -18.80
C LEU D 146 16.11 -2.85 -17.45
N LYS D 147 15.42 -2.42 -16.41
CA LYS D 147 15.82 -2.70 -15.01
C LYS D 147 15.55 -4.16 -14.68
N ASP D 148 16.29 -4.72 -13.73
CA ASP D 148 16.03 -6.13 -13.32
C ASP D 148 14.55 -6.30 -12.94
N SER D 149 13.96 -5.32 -12.25
CA SER D 149 12.55 -5.40 -11.78
C SER D 149 11.64 -5.51 -13.02
N GLN D 150 11.99 -4.86 -14.11
CA GLN D 150 11.12 -4.89 -15.31
C GLN D 150 11.27 -6.27 -15.95
N ILE D 151 12.48 -6.79 -15.97
CA ILE D 151 12.75 -8.12 -16.57
C ILE D 151 11.97 -9.12 -15.75
N ALA D 152 12.05 -9.02 -14.41
CA ALA D 152 11.27 -9.86 -13.46
C ALA D 152 9.77 -9.85 -13.84
N ASP D 153 9.18 -8.66 -14.03
N ASP D 153 9.23 -8.65 -14.05
CA ASP D 153 7.74 -8.53 -14.34
CA ASP D 153 7.79 -8.42 -14.35
C ASP D 153 7.47 -9.21 -15.68
C ASP D 153 7.44 -9.10 -15.69
N ILE D 154 8.32 -9.02 -16.69
CA ILE D 154 8.09 -9.65 -18.01
C ILE D 154 8.06 -11.19 -17.88
N LEU D 155 8.95 -11.77 -17.07
CA LEU D 155 8.98 -13.24 -16.79
C LEU D 155 7.63 -13.62 -16.17
N SER D 156 7.16 -12.85 -15.19
CA SER D 156 5.94 -13.23 -14.45
C SER D 156 4.67 -13.05 -15.33
N THR D 157 4.64 -12.20 -16.33
CA THR D 157 3.43 -12.05 -17.19
C THR D 157 3.53 -12.97 -18.41
N SER D 158 4.64 -13.71 -18.55
CA SER D 158 4.72 -14.84 -19.52
C SER D 158 3.60 -15.84 -19.20
N GLY D 159 3.12 -16.57 -20.19
CA GLY D 159 2.53 -17.91 -19.92
C GLY D 159 3.53 -18.92 -19.34
N THR D 160 3.00 -20.09 -18.99
CA THR D 160 3.77 -21.20 -18.33
C THR D 160 5.07 -21.44 -19.11
N VAL D 161 4.97 -21.46 -20.42
CA VAL D 161 6.10 -21.72 -21.34
C VAL D 161 6.85 -20.41 -21.52
N VAL D 162 8.06 -20.34 -20.94
CA VAL D 162 8.91 -19.13 -20.97
C VAL D 162 10.11 -19.43 -21.86
N THR D 163 10.29 -18.63 -22.90
CA THR D 163 11.45 -18.78 -23.76
C THR D 163 12.41 -17.62 -23.47
N ILE D 164 13.70 -17.89 -23.20
CA ILE D 164 14.67 -16.77 -23.06
C ILE D 164 15.75 -16.91 -24.11
N THR D 165 16.09 -15.75 -24.69
CA THR D 165 17.16 -15.61 -25.65
C THR D 165 18.35 -15.04 -24.88
N ILE D 166 19.47 -15.79 -24.90
CA ILE D 166 20.68 -15.46 -24.12
C ILE D 166 21.87 -15.28 -25.04
N MET D 167 22.87 -14.60 -24.51
CA MET D 167 24.15 -14.27 -25.18
C MET D 167 25.23 -14.39 -24.13
N PRO D 168 26.37 -15.03 -24.46
CA PRO D 168 27.51 -15.06 -23.53
C PRO D 168 27.87 -13.60 -23.14
N ALA D 169 28.15 -13.38 -21.84
CA ALA D 169 28.33 -12.04 -21.23
C ALA D 169 29.44 -11.27 -21.92
N PHE D 170 30.55 -11.92 -22.21
N PHE D 170 30.54 -11.94 -22.24
CA PHE D 170 31.74 -11.26 -22.81
CA PHE D 170 31.76 -11.30 -22.81
C PHE D 170 31.33 -10.66 -24.16
C PHE D 170 31.44 -10.76 -24.21
N ILE D 171 30.53 -11.41 -24.94
CA ILE D 171 30.12 -10.95 -26.29
C ILE D 171 29.13 -9.78 -26.17
N PHE D 172 28.17 -9.93 -25.26
CA PHE D 172 27.15 -8.89 -25.00
C PHE D 172 27.88 -7.58 -24.61
N GLU D 173 28.82 -7.67 -23.66
CA GLU D 173 29.57 -6.50 -23.16
C GLU D 173 30.30 -5.87 -24.36
N HIS D 174 30.82 -6.68 -25.27
CA HIS D 174 31.50 -6.15 -26.47
C HIS D 174 30.50 -5.43 -27.36
N ILE D 175 29.30 -5.97 -27.59
CA ILE D 175 28.32 -5.34 -28.51
C ILE D 175 27.86 -4.01 -27.88
N ILE D 176 27.64 -3.95 -26.59
CA ILE D 176 27.04 -2.69 -26.06
C ILE D 176 28.11 -1.59 -25.81
N LYS D 177 29.41 -1.92 -25.87
CA LYS D 177 30.49 -0.95 -25.62
C LYS D 177 30.31 0.27 -26.54
N ARG D 178 30.50 1.47 -25.97
CA ARG D 178 30.51 2.77 -26.69
C ARG D 178 29.08 3.33 -26.77
N MET D 179 28.06 2.52 -26.52
CA MET D 179 26.65 2.99 -26.55
C MET D 179 26.32 3.63 -25.19
N ALA D 180 26.02 4.94 -25.19
CA ALA D 180 25.59 5.66 -23.98
C ALA D 180 24.44 4.91 -23.33
N PRO D 181 24.56 4.64 -22.03
CA PRO D 181 23.44 4.03 -21.29
C PRO D 181 22.09 4.73 -21.51
N SER D 182 22.10 6.05 -21.69
CA SER D 182 20.87 6.83 -21.80
C SER D 182 20.24 6.53 -23.16
N ILE D 183 21.07 6.30 -24.15
CA ILE D 183 20.53 5.93 -25.49
C ILE D 183 19.92 4.50 -25.41
N MET D 184 20.64 3.55 -24.77
CA MET D 184 20.20 2.13 -24.68
C MET D 184 18.86 2.10 -23.95
N LYS D 185 18.76 2.88 -22.86
CA LYS D 185 17.53 2.96 -22.02
C LYS D 185 16.40 3.73 -22.69
N SER D 186 16.63 4.77 -23.49
CA SER D 186 15.49 5.49 -24.09
C SER D 186 15.13 4.94 -25.47
N LEU D 187 16.07 4.52 -26.31
CA LEU D 187 15.75 4.31 -27.74
C LEU D 187 15.40 2.83 -28.05
N MET D 188 15.84 1.89 -27.21
CA MET D 188 15.85 0.44 -27.58
C MET D 188 14.40 -0.05 -27.74
N ASP D 189 14.10 -0.62 -28.90
CA ASP D 189 12.84 -1.32 -29.20
C ASP D 189 12.51 -2.42 -28.18
N HIS D 190 11.30 -2.38 -27.62
CA HIS D 190 10.81 -3.37 -26.62
C HIS D 190 9.43 -3.88 -27.02
N THR D 191 9.03 -3.66 -28.28
CA THR D 191 7.64 -3.92 -28.73
C THR D 191 7.36 -5.43 -28.73
N ILE D 192 6.07 -5.76 -28.76
CA ILE D 192 5.54 -7.15 -28.88
C ILE D 192 4.33 -7.05 -29.78
N PRO D 193 4.01 -8.11 -30.56
CA PRO D 193 2.95 -8.02 -31.56
C PRO D 193 1.58 -7.65 -30.93
N GLU D 194 1.27 -8.21 -29.76
CA GLU D 194 -0.03 -7.99 -29.10
C GLU D 194 0.06 -8.36 -27.64
N VAL D 195 -0.96 -7.99 -26.85
CA VAL D 195 -1.14 -8.48 -25.45
C VAL D 195 -2.16 -9.63 -25.48
#